data_7LNY
#
_entry.id   7LNY
#
_cell.length_a   142.282
_cell.length_b   118.980
_cell.length_c   109.506
_cell.angle_alpha   90.000
_cell.angle_beta   103.450
_cell.angle_gamma   90.000
#
_symmetry.space_group_name_H-M   'C 1 2 1'
#
loop_
_entity.id
_entity.type
_entity.pdbx_description
1 polymer 'Histone chaperone ASF1A'
2 water water
#
_entity_poly.entity_id   1
_entity_poly.type   'polypeptide(L)'
_entity_poly.pdbx_seq_one_letter_code
;GSMAKVQVNNVVVLDNPSPFYNPFQFEITFECIEDLSEDLEWKIIYVGSAESEEYDQVLDSVLVGPVPAGRHMFVFQADA
PNPGLIPDADAVGVTVVLITCTYRGQEFIRVGYYVNNEYTETELRENPPVKPDFSKLQRNILASNPRVTRFHINWED
;
_entity_poly.pdbx_strand_id   A,B,C,D,E,F,G
#
# COMPACT_ATOMS: atom_id res chain seq x y z
N SER A 2 2.16 9.96 22.87
CA SER A 2 2.95 11.12 23.28
C SER A 2 2.98 12.20 22.22
N MET A 3 3.43 13.39 22.61
CA MET A 3 3.63 14.46 21.65
C MET A 3 4.86 14.17 20.78
N ALA A 4 4.86 14.73 19.59
CA ALA A 4 6.03 14.63 18.71
C ALA A 4 7.25 15.21 19.42
N LYS A 5 8.27 14.38 19.58
CA LYS A 5 9.47 14.80 20.31
C LYS A 5 10.47 15.55 19.45
N VAL A 6 10.38 15.44 18.12
CA VAL A 6 11.21 16.21 17.22
C VAL A 6 10.30 17.08 16.36
N GLN A 7 10.65 18.36 16.25
CA GLN A 7 9.90 19.33 15.47
C GLN A 7 10.88 20.01 14.52
N VAL A 8 10.75 19.75 13.22
CA VAL A 8 11.59 20.41 12.23
C VAL A 8 11.13 21.84 12.06
N ASN A 9 12.08 22.79 12.13
CA ASN A 9 11.76 24.20 12.05
C ASN A 9 11.93 24.77 10.65
N ASN A 10 13.01 24.40 9.95
CA ASN A 10 13.26 24.97 8.64
C ASN A 10 14.32 24.17 7.91
N VAL A 11 14.29 24.27 6.59
CA VAL A 11 15.32 23.72 5.71
C VAL A 11 15.75 24.83 4.77
N VAL A 12 17.05 25.06 4.69
CA VAL A 12 17.63 26.01 3.74
C VAL A 12 18.29 25.21 2.63
N VAL A 13 17.90 25.48 1.39
CA VAL A 13 18.49 24.82 0.22
C VAL A 13 19.72 25.64 -0.18
N LEU A 14 20.90 25.04 -0.01
CA LEU A 14 22.16 25.70 -0.34
C LEU A 14 22.55 25.38 -1.77
N ASP A 15 23.41 26.24 -2.33
CA ASP A 15 23.91 26.06 -3.70
C ASP A 15 22.75 25.67 -4.61
N ASN A 16 21.67 26.47 -4.55
CA ASN A 16 20.36 25.98 -5.01
C ASN A 16 20.30 25.88 -6.53
N PRO A 17 20.47 26.95 -7.30
CA PRO A 17 20.74 26.76 -8.73
C PRO A 17 22.18 26.27 -8.89
N SER A 18 22.33 25.06 -9.43
CA SER A 18 23.63 24.43 -9.49
C SER A 18 23.66 23.47 -10.68
N PRO A 19 24.85 23.09 -11.14
CA PRO A 19 24.94 22.02 -12.14
C PRO A 19 24.31 20.74 -11.62
N PHE A 20 23.78 19.94 -12.54
CA PHE A 20 23.13 18.70 -12.15
C PHE A 20 24.07 17.80 -11.35
N TYR A 21 25.36 17.80 -11.70
CA TYR A 21 26.29 16.87 -11.07
C TYR A 21 26.76 17.32 -9.69
N ASN A 22 26.43 18.53 -9.26
CA ASN A 22 26.83 18.98 -7.93
C ASN A 22 26.05 18.23 -6.85
N PRO A 23 26.63 18.02 -5.68
CA PRO A 23 25.88 17.39 -4.58
C PRO A 23 24.72 18.27 -4.13
N PHE A 24 23.71 17.62 -3.55
CA PHE A 24 22.69 18.35 -2.81
C PHE A 24 23.26 18.83 -1.48
N GLN A 25 22.74 19.95 -0.99
CA GLN A 25 23.16 20.51 0.30
C GLN A 25 21.95 21.13 0.97
N PHE A 26 21.63 20.66 2.18
CA PHE A 26 20.52 21.19 2.96
C PHE A 26 21.03 21.56 4.35
N GLU A 27 20.64 22.73 4.83
CA GLU A 27 20.92 23.16 6.19
C GLU A 27 19.61 23.07 6.96
N ILE A 28 19.56 22.18 7.94
CA ILE A 28 18.31 21.78 8.58
C ILE A 28 18.37 22.16 10.06
N THR A 29 17.29 22.77 10.55
CA THR A 29 17.15 23.12 11.95
C THR A 29 15.94 22.41 12.54
N PHE A 30 16.09 21.89 13.76
CA PHE A 30 14.99 21.21 14.43
C PHE A 30 15.17 21.34 15.94
N GLU A 31 14.11 20.97 16.67
CA GLU A 31 14.09 21.01 18.13
C GLU A 31 13.75 19.63 18.68
N CYS A 32 14.37 19.28 19.81
CA CYS A 32 13.99 18.11 20.59
C CYS A 32 13.46 18.57 21.94
N ILE A 33 12.24 18.13 22.27
CA ILE A 33 11.63 18.53 23.54
C ILE A 33 12.31 17.85 24.72
N GLU A 34 13.03 16.76 24.47
CA GLU A 34 13.77 16.06 25.52
C GLU A 34 14.87 15.24 24.87
N ASP A 35 15.87 14.87 25.67
CA ASP A 35 16.90 13.96 25.20
C ASP A 35 16.26 12.69 24.64
N LEU A 36 16.59 12.36 23.39
CA LEU A 36 16.10 11.13 22.78
C LEU A 36 17.13 10.03 22.99
N SER A 37 16.66 8.86 23.43
CA SER A 37 17.56 7.74 23.68
C SER A 37 17.99 7.07 22.38
N GLU A 38 17.13 7.07 21.35
CA GLU A 38 17.40 6.33 20.14
C GLU A 38 17.85 7.28 19.03
N ASP A 39 18.06 6.71 17.84
CA ASP A 39 18.73 7.41 16.75
C ASP A 39 17.72 8.05 15.80
N LEU A 40 18.07 9.25 15.32
CA LEU A 40 17.39 9.87 14.19
C LEU A 40 18.15 9.53 12.92
N GLU A 41 17.43 9.07 11.89
CA GLU A 41 18.03 8.79 10.60
C GLU A 41 17.42 9.72 9.56
N TRP A 42 18.26 10.56 8.96
CA TRP A 42 17.86 11.43 7.86
C TRP A 42 18.23 10.79 6.53
N LYS A 43 17.39 10.98 5.53
CA LYS A 43 17.67 10.49 4.19
C LYS A 43 17.31 11.55 3.16
N ILE A 44 18.04 11.55 2.06
CA ILE A 44 17.70 12.31 0.86
C ILE A 44 17.35 11.31 -0.23
N ILE A 45 16.17 11.48 -0.83
CA ILE A 45 15.65 10.53 -1.81
C ILE A 45 15.29 11.31 -3.06
N TYR A 46 15.88 10.92 -4.19
CA TYR A 46 15.64 11.55 -5.48
C TYR A 46 14.63 10.72 -6.25
N VAL A 47 13.52 11.36 -6.65
CA VAL A 47 12.46 10.68 -7.39
C VAL A 47 12.84 10.71 -8.86
N GLY A 48 13.39 9.60 -9.35
CA GLY A 48 13.86 9.57 -10.73
C GLY A 48 12.75 9.68 -11.75
N SER A 49 11.56 9.17 -11.42
CA SER A 49 10.46 9.16 -12.39
C SER A 49 9.14 8.92 -11.68
N ALA A 50 8.09 9.58 -12.15
CA ALA A 50 6.75 9.26 -11.69
C ALA A 50 6.29 7.89 -12.18
N GLU A 51 6.98 7.32 -13.16
CA GLU A 51 6.63 5.99 -13.64
C GLU A 51 6.51 4.99 -12.51
N SER A 52 7.45 5.02 -11.56
CA SER A 52 7.51 3.99 -10.54
C SER A 52 8.48 4.40 -9.45
N GLU A 53 8.25 3.87 -8.25
CA GLU A 53 9.18 4.04 -7.14
C GLU A 53 10.50 3.31 -7.38
N GLU A 54 10.57 2.38 -8.34
CA GLU A 54 11.82 1.69 -8.60
C GLU A 54 12.90 2.65 -9.11
N TYR A 55 12.51 3.83 -9.58
CA TYR A 55 13.46 4.85 -10.02
C TYR A 55 13.81 5.82 -8.91
N ASP A 56 13.30 5.62 -7.70
CA ASP A 56 13.80 6.36 -6.55
C ASP A 56 15.25 6.01 -6.29
N GLN A 57 16.02 7.02 -5.89
CA GLN A 57 17.43 6.83 -5.52
C GLN A 57 17.64 7.42 -4.14
N VAL A 58 18.02 6.58 -3.18
CA VAL A 58 18.44 7.07 -1.87
C VAL A 58 19.85 7.61 -2.01
N LEU A 59 19.99 8.94 -2.01
CA LEU A 59 21.29 9.56 -2.28
C LEU A 59 22.23 9.42 -1.10
N ASP A 60 21.71 9.53 0.12
CA ASP A 60 22.56 9.39 1.31
C ASP A 60 21.66 9.31 2.53
N SER A 61 22.24 8.78 3.61
CA SER A 61 21.58 8.68 4.90
C SER A 61 22.52 9.18 5.98
N VAL A 62 21.97 9.87 6.97
CA VAL A 62 22.74 10.35 8.12
C VAL A 62 22.06 9.86 9.38
N LEU A 63 22.81 9.19 10.24
CA LEU A 63 22.31 8.62 11.49
C LEU A 63 23.02 9.27 12.66
N VAL A 64 22.24 9.81 13.59
CA VAL A 64 22.76 10.48 14.79
C VAL A 64 22.42 9.60 15.98
N GLY A 65 23.44 9.00 16.59
CA GLY A 65 23.27 8.09 17.69
C GLY A 65 22.79 8.76 18.96
N PRO A 66 23.47 9.82 19.37
CA PRO A 66 23.06 10.53 20.60
C PRO A 66 22.20 11.75 20.28
N VAL A 67 21.07 11.91 20.94
CA VAL A 67 20.21 13.08 20.75
C VAL A 67 20.17 13.86 22.06
N PRO A 68 20.50 15.15 22.04
CA PRO A 68 20.27 16.00 23.22
C PRO A 68 19.06 16.89 23.04
N ALA A 69 18.43 17.31 24.13
CA ALA A 69 17.29 18.21 24.04
C ALA A 69 17.74 19.61 23.63
N GLY A 70 16.84 20.33 22.95
CA GLY A 70 17.05 21.71 22.58
C GLY A 70 17.09 21.90 21.07
N ARG A 71 17.56 23.08 20.67
CA ARG A 71 17.61 23.45 19.26
C ARG A 71 18.83 22.83 18.59
N HIS A 72 18.66 22.48 17.31
CA HIS A 72 19.70 21.83 16.52
C HIS A 72 19.79 22.48 15.15
N MET A 73 21.01 22.48 14.61
CA MET A 73 21.24 22.76 13.19
C MET A 73 22.29 21.78 12.71
N PHE A 74 22.10 21.27 11.49
CA PHE A 74 23.13 20.46 10.85
C PHE A 74 23.01 20.62 9.34
N VAL A 75 24.08 20.22 8.65
CA VAL A 75 24.17 20.36 7.19
C VAL A 75 24.24 18.96 6.59
N PHE A 76 23.32 18.68 5.68
CA PHE A 76 23.15 17.35 5.08
C PHE A 76 23.53 17.48 3.61
N GLN A 77 24.63 16.83 3.23
CA GLN A 77 25.13 16.85 1.85
C GLN A 77 25.06 15.45 1.27
N ALA A 78 24.63 15.34 0.01
CA ALA A 78 24.49 14.05 -0.66
C ALA A 78 24.86 14.17 -2.13
N ASP A 79 25.59 13.16 -2.63
CA ASP A 79 25.98 13.14 -4.03
C ASP A 79 24.77 13.18 -4.94
N ALA A 80 24.95 13.77 -6.12
CA ALA A 80 23.89 13.86 -7.09
C ALA A 80 23.43 12.46 -7.52
N PRO A 81 22.20 12.34 -8.03
CA PRO A 81 21.72 11.03 -8.48
C PRO A 81 22.54 10.50 -9.65
N ASN A 82 22.46 9.18 -9.82
CA ASN A 82 23.11 8.47 -10.93
C ASN A 82 22.30 8.67 -12.19
N PRO A 83 22.78 9.45 -13.17
CA PRO A 83 21.97 9.68 -14.38
C PRO A 83 21.70 8.42 -15.17
N GLY A 84 22.48 7.36 -14.99
CA GLY A 84 22.20 6.11 -15.67
C GLY A 84 20.93 5.42 -15.21
N LEU A 85 20.37 5.85 -14.08
CA LEU A 85 19.16 5.25 -13.53
C LEU A 85 17.92 6.09 -13.76
N ILE A 86 18.03 7.22 -14.43
CA ILE A 86 16.92 8.13 -14.66
C ILE A 86 16.38 7.88 -16.06
N PRO A 87 15.08 7.58 -16.24
CA PRO A 87 14.54 7.45 -17.59
C PRO A 87 14.80 8.69 -18.41
N ASP A 88 15.11 8.49 -19.70
CA ASP A 88 15.42 9.61 -20.58
C ASP A 88 14.31 10.65 -20.59
N ALA A 89 13.06 10.21 -20.64
CA ALA A 89 11.94 11.14 -20.79
C ALA A 89 11.65 11.92 -19.52
N ASP A 90 12.20 11.52 -18.38
CA ASP A 90 11.95 12.20 -17.11
C ASP A 90 13.08 13.12 -16.68
N ALA A 91 14.25 13.03 -17.32
CA ALA A 91 15.42 13.72 -16.81
C ALA A 91 15.29 15.24 -16.92
N VAL A 92 14.83 15.71 -18.08
CA VAL A 92 14.69 17.14 -18.34
C VAL A 92 13.26 17.53 -18.02
N GLY A 93 13.09 18.42 -17.04
CA GLY A 93 11.79 18.83 -16.58
C GLY A 93 11.75 18.83 -15.07
N VAL A 94 10.54 18.70 -14.53
CA VAL A 94 10.29 18.82 -13.11
C VAL A 94 10.26 17.43 -12.49
N THR A 95 10.98 17.26 -11.38
CA THR A 95 10.94 16.04 -10.59
C THR A 95 10.91 16.46 -9.13
N VAL A 96 11.05 15.50 -8.22
CA VAL A 96 10.94 15.76 -6.78
C VAL A 96 12.17 15.20 -6.06
N VAL A 97 12.62 15.93 -5.05
CA VAL A 97 13.61 15.44 -4.10
C VAL A 97 12.98 15.50 -2.72
N LEU A 98 13.25 14.49 -1.89
CA LEU A 98 12.65 14.37 -0.58
C LEU A 98 13.71 14.35 0.51
N ILE A 99 13.41 15.00 1.64
CA ILE A 99 14.16 14.84 2.88
C ILE A 99 13.23 14.18 3.89
N THR A 100 13.68 13.08 4.46
CA THR A 100 12.90 12.34 5.44
C THR A 100 13.71 12.16 6.71
N CYS A 101 13.01 12.01 7.83
CA CYS A 101 13.65 11.67 9.09
C CYS A 101 12.84 10.60 9.79
N THR A 102 13.53 9.61 10.32
CA THR A 102 12.90 8.52 11.06
C THR A 102 13.41 8.52 12.49
N TYR A 103 12.53 8.14 13.41
CA TYR A 103 12.89 7.91 14.80
C TYR A 103 12.46 6.51 15.18
N ARG A 104 13.39 5.74 15.75
CA ARG A 104 13.14 4.33 16.07
C ARG A 104 12.64 3.58 14.85
N GLY A 105 13.10 3.99 13.66
CA GLY A 105 12.77 3.31 12.43
C GLY A 105 11.52 3.80 11.73
N GLN A 106 10.82 4.78 12.30
CA GLN A 106 9.52 5.23 11.79
C GLN A 106 9.68 6.63 11.23
N GLU A 107 9.33 6.79 9.95
CA GLU A 107 9.37 8.10 9.33
C GLU A 107 8.28 8.99 9.95
N PHE A 108 8.68 10.14 10.48
CA PHE A 108 7.72 11.07 11.08
C PHE A 108 7.59 12.37 10.31
N ILE A 109 8.50 12.67 9.38
CA ILE A 109 8.40 13.90 8.59
C ILE A 109 9.00 13.65 7.21
N ARG A 110 8.37 14.25 6.20
CA ARG A 110 8.83 14.18 4.82
C ARG A 110 8.73 15.57 4.22
N VAL A 111 9.85 16.13 3.80
CA VAL A 111 9.91 17.45 3.19
C VAL A 111 10.25 17.26 1.72
N GLY A 112 9.32 17.62 0.85
CA GLY A 112 9.48 17.44 -0.60
C GLY A 112 9.63 18.78 -1.30
N TYR A 113 10.54 18.82 -2.27
CA TYR A 113 10.75 19.97 -3.12
C TYR A 113 10.61 19.55 -4.58
N TYR A 114 9.96 20.40 -5.38
CA TYR A 114 10.05 20.26 -6.83
C TYR A 114 11.44 20.65 -7.30
N VAL A 115 11.94 19.91 -8.29
CA VAL A 115 13.27 20.13 -8.84
C VAL A 115 13.12 20.28 -10.35
N ASN A 116 13.55 21.43 -10.87
CA ASN A 116 13.45 21.74 -12.29
C ASN A 116 14.85 21.63 -12.89
N ASN A 117 15.04 20.64 -13.76
CA ASN A 117 16.30 20.43 -14.46
C ASN A 117 16.14 20.94 -15.89
N GLU A 118 16.94 21.93 -16.26
CA GLU A 118 16.79 22.59 -17.54
C GLU A 118 18.16 22.79 -18.19
N TYR A 119 18.17 22.76 -19.51
CA TYR A 119 19.40 22.94 -20.26
C TYR A 119 19.86 24.39 -20.20
N THR A 120 21.17 24.58 -20.26
CA THR A 120 21.77 25.90 -20.21
C THR A 120 22.14 26.44 -21.58
N GLU A 121 22.11 25.60 -22.62
CA GLU A 121 22.46 26.01 -23.98
C GLU A 121 21.23 26.00 -24.85
N THR A 122 21.07 27.05 -25.66
CA THR A 122 19.87 27.20 -26.49
C THR A 122 19.71 26.03 -27.46
N GLU A 123 20.82 25.58 -28.05
CA GLU A 123 20.75 24.47 -29.00
C GLU A 123 20.11 23.24 -28.35
N LEU A 124 20.52 22.93 -27.12
CA LEU A 124 19.98 21.74 -26.46
C LEU A 124 18.53 21.94 -26.06
N ARG A 125 18.16 23.15 -25.65
CA ARG A 125 16.76 23.43 -25.31
C ARG A 125 15.86 23.28 -26.54
N GLU A 126 16.35 23.70 -27.71
CA GLU A 126 15.53 23.67 -28.91
C GLU A 126 15.49 22.30 -29.56
N ASN A 127 16.57 21.53 -29.46
CA ASN A 127 16.61 20.17 -30.02
C ASN A 127 17.26 19.25 -29.00
N PRO A 128 16.50 18.82 -27.99
CA PRO A 128 17.06 17.99 -26.94
C PRO A 128 17.45 16.62 -27.47
N PRO A 129 18.63 16.11 -27.12
CA PRO A 129 18.97 14.74 -27.52
C PRO A 129 18.10 13.73 -26.78
N VAL A 130 17.92 12.56 -27.41
CA VAL A 130 17.15 11.50 -26.78
C VAL A 130 17.74 11.16 -25.41
N LYS A 131 19.04 10.86 -25.37
CA LYS A 131 19.73 10.71 -24.10
C LYS A 131 20.14 12.08 -23.59
N PRO A 132 19.62 12.56 -22.47
CA PRO A 132 19.94 13.92 -22.01
C PRO A 132 21.43 14.10 -21.77
N ASP A 133 21.89 15.34 -21.94
CA ASP A 133 23.28 15.73 -21.68
C ASP A 133 23.31 16.32 -20.26
N PHE A 134 23.54 15.46 -19.28
CA PHE A 134 23.49 15.90 -17.88
C PHE A 134 24.61 16.89 -17.55
N SER A 135 25.70 16.89 -18.30
CA SER A 135 26.76 17.88 -18.08
C SER A 135 26.27 19.30 -18.35
N LYS A 136 25.20 19.45 -19.14
CA LYS A 136 24.67 20.76 -19.51
C LYS A 136 23.34 21.06 -18.83
N LEU A 137 22.96 20.28 -17.83
CA LEU A 137 21.69 20.46 -17.12
C LEU A 137 21.91 21.26 -15.85
N GLN A 138 21.08 22.26 -15.64
CA GLN A 138 21.08 23.03 -14.39
C GLN A 138 19.91 22.59 -13.52
N ARG A 139 20.21 22.28 -12.26
CA ARG A 139 19.21 21.91 -11.28
C ARG A 139 18.75 23.15 -10.53
N ASN A 140 17.44 23.42 -10.56
CA ASN A 140 16.85 24.49 -9.76
C ASN A 140 15.81 23.87 -8.84
N ILE A 141 16.12 23.84 -7.54
CA ILE A 141 15.15 23.39 -6.55
C ILE A 141 14.24 24.55 -6.21
N LEU A 142 12.92 24.30 -6.24
CA LEU A 142 11.95 25.34 -5.91
C LEU A 142 11.88 25.45 -4.39
N ALA A 143 12.88 26.13 -3.83
CA ALA A 143 13.08 26.18 -2.39
C ALA A 143 11.99 26.94 -1.66
N SER A 144 11.24 27.80 -2.34
CA SER A 144 10.24 28.62 -1.68
C SER A 144 8.97 27.84 -1.35
N ASN A 145 8.76 26.67 -1.95
CA ASN A 145 7.51 25.92 -1.84
C ASN A 145 7.77 24.51 -1.38
N PRO A 146 8.22 24.32 -0.13
CA PRO A 146 8.36 22.97 0.40
C PRO A 146 6.99 22.39 0.74
N ARG A 147 6.87 21.08 0.54
CA ARG A 147 5.65 20.35 0.86
C ARG A 147 5.99 19.42 2.03
N VAL A 148 5.40 19.70 3.19
CA VAL A 148 5.71 18.98 4.42
C VAL A 148 4.59 18.00 4.71
N THR A 149 4.94 16.75 4.93
CA THR A 149 4.02 15.72 5.41
C THR A 149 4.55 15.16 6.72
N ARG A 150 3.72 15.19 7.75
CA ARG A 150 4.04 14.59 9.03
C ARG A 150 3.28 13.28 9.19
N PHE A 151 3.91 12.31 9.82
CA PHE A 151 3.32 11.01 10.10
C PHE A 151 3.31 10.77 11.60
N HIS A 152 2.18 10.27 12.10
CA HIS A 152 2.11 9.83 13.48
C HIS A 152 2.99 8.60 13.67
N ILE A 153 3.88 8.65 14.66
CA ILE A 153 4.68 7.49 15.02
C ILE A 153 4.62 7.29 16.53
N ASN A 154 5.20 6.19 16.98
CA ASN A 154 5.25 5.86 18.40
C ASN A 154 6.56 6.43 18.95
N TRP A 155 6.45 7.57 19.64
CA TRP A 155 7.60 8.31 20.12
C TRP A 155 8.15 7.80 21.46
N GLU A 156 7.84 6.55 21.83
CA GLU A 156 8.28 6.03 23.12
C GLU A 156 8.70 4.57 23.00
N SER B 2 17.65 -2.96 -3.81
CA SER B 2 16.92 -2.26 -4.86
C SER B 2 15.42 -2.21 -4.53
N MET B 3 14.79 -3.39 -4.46
CA MET B 3 13.37 -3.51 -4.22
C MET B 3 13.08 -4.02 -2.82
N ALA B 4 11.83 -3.82 -2.40
CA ALA B 4 11.39 -4.25 -1.09
C ALA B 4 11.13 -5.76 -1.10
N LYS B 5 11.70 -6.46 -0.11
CA LYS B 5 11.57 -7.91 -0.06
C LYS B 5 10.18 -8.37 0.35
N VAL B 6 9.33 -7.47 0.87
CA VAL B 6 7.96 -7.77 1.21
C VAL B 6 7.06 -6.78 0.49
N GLN B 7 6.08 -7.29 -0.27
CA GLN B 7 5.17 -6.48 -1.05
C GLN B 7 3.75 -6.80 -0.63
N VAL B 8 3.07 -5.80 -0.06
CA VAL B 8 1.68 -5.97 0.36
C VAL B 8 0.78 -5.96 -0.86
N ASN B 9 -0.05 -6.98 -0.99
CA ASN B 9 -0.98 -7.07 -2.11
C ASN B 9 -2.27 -6.29 -1.83
N ASN B 10 -2.92 -6.57 -0.71
CA ASN B 10 -4.20 -5.94 -0.42
C ASN B 10 -4.51 -6.08 1.06
N VAL B 11 -5.34 -5.16 1.54
CA VAL B 11 -5.95 -5.25 2.86
C VAL B 11 -7.46 -5.31 2.67
N VAL B 12 -8.10 -6.30 3.28
CA VAL B 12 -9.55 -6.42 3.31
C VAL B 12 -10.02 -6.11 4.73
N VAL B 13 -10.95 -5.17 4.85
CA VAL B 13 -11.50 -4.78 6.15
C VAL B 13 -12.70 -5.68 6.45
N LEU B 14 -12.61 -6.44 7.53
CA LEU B 14 -13.65 -7.39 7.91
C LEU B 14 -14.58 -6.77 8.95
N ASP B 15 -15.81 -7.28 8.98
CA ASP B 15 -16.82 -6.80 9.95
C ASP B 15 -16.87 -5.28 9.95
N ASN B 16 -16.77 -4.68 8.76
CA ASN B 16 -16.43 -3.27 8.66
C ASN B 16 -17.44 -2.38 9.40
N PRO B 17 -18.70 -2.30 8.99
CA PRO B 17 -19.68 -1.60 9.83
C PRO B 17 -19.92 -2.41 11.10
N SER B 18 -19.64 -1.80 12.25
CA SER B 18 -19.68 -2.55 13.50
C SER B 18 -19.94 -1.58 14.64
N PRO B 19 -20.44 -2.06 15.77
CA PRO B 19 -20.45 -1.24 16.98
C PRO B 19 -19.05 -0.77 17.32
N PHE B 20 -18.97 0.37 18.01
CA PHE B 20 -17.67 0.97 18.30
C PHE B 20 -16.79 0.03 19.11
N TYR B 21 -17.37 -0.69 20.06
CA TYR B 21 -16.58 -1.52 20.97
C TYR B 21 -16.10 -2.81 20.34
N ASN B 22 -16.50 -3.13 19.10
CA ASN B 22 -16.04 -4.36 18.48
C ASN B 22 -14.59 -4.20 18.00
N PRO B 23 -13.81 -5.29 18.05
CA PRO B 23 -12.42 -5.19 17.60
C PRO B 23 -12.30 -4.99 16.10
N PHE B 24 -11.20 -4.37 15.70
CA PHE B 24 -10.86 -4.27 14.29
C PHE B 24 -10.45 -5.64 13.75
N GLN B 25 -10.68 -5.84 12.45
CA GLN B 25 -10.27 -7.09 11.80
C GLN B 25 -9.85 -6.78 10.38
N PHE B 26 -8.62 -7.15 10.04
CA PHE B 26 -8.04 -6.91 8.72
C PHE B 26 -7.48 -8.21 8.20
N GLU B 27 -7.84 -8.58 6.97
CA GLU B 27 -7.24 -9.70 6.27
C GLU B 27 -6.21 -9.16 5.30
N ILE B 28 -4.94 -9.49 5.53
CA ILE B 28 -3.82 -8.90 4.82
C ILE B 28 -3.11 -9.98 4.02
N THR B 29 -2.86 -9.69 2.74
CA THR B 29 -2.12 -10.58 1.86
C THR B 29 -0.85 -9.86 1.41
N PHE B 30 0.27 -10.56 1.45
CA PHE B 30 1.52 -10.00 0.96
C PHE B 30 2.36 -11.12 0.37
N GLU B 31 3.33 -10.73 -0.44
CA GLU B 31 4.29 -11.64 -1.05
C GLU B 31 5.68 -11.36 -0.49
N CYS B 32 6.44 -12.41 -0.24
CA CYS B 32 7.80 -12.30 0.25
C CYS B 32 8.75 -12.80 -0.83
N ILE B 33 9.64 -11.92 -1.30
CA ILE B 33 10.46 -12.22 -2.46
C ILE B 33 11.53 -13.26 -2.12
N GLU B 34 12.05 -13.23 -0.90
CA GLU B 34 13.06 -14.19 -0.48
C GLU B 34 12.95 -14.39 1.02
N ASP B 35 13.37 -15.57 1.48
CA ASP B 35 13.36 -15.88 2.90
C ASP B 35 13.99 -14.75 3.70
N LEU B 36 13.26 -14.23 4.67
CA LEU B 36 13.75 -13.19 5.57
C LEU B 36 14.06 -13.81 6.92
N SER B 37 15.29 -13.59 7.40
CA SER B 37 15.71 -14.18 8.67
C SER B 37 15.12 -13.44 9.86
N GLU B 38 14.94 -12.12 9.76
CA GLU B 38 14.50 -11.33 10.89
C GLU B 38 12.97 -11.24 10.91
N ASP B 39 12.44 -10.47 11.84
CA ASP B 39 11.01 -10.46 12.15
C ASP B 39 10.30 -9.29 11.48
N LEU B 40 9.08 -9.55 11.01
CA LEU B 40 8.14 -8.50 10.67
C LEU B 40 7.28 -8.19 11.90
N GLU B 41 7.00 -6.91 12.11
CA GLU B 41 6.07 -6.50 13.17
C GLU B 41 5.00 -5.61 12.56
N TRP B 42 3.76 -6.05 12.66
CA TRP B 42 2.60 -5.27 12.23
C TRP B 42 1.97 -4.60 13.44
N LYS B 43 1.47 -3.38 13.24
CA LYS B 43 0.77 -2.67 14.30
C LYS B 43 -0.46 -1.98 13.73
N ILE B 44 -1.44 -1.77 14.60
CA ILE B 44 -2.64 -0.99 14.27
C ILE B 44 -2.67 0.18 15.24
N ILE B 45 -2.69 1.40 14.69
CA ILE B 45 -2.70 2.63 15.48
C ILE B 45 -4.00 3.35 15.21
N TYR B 46 -4.71 3.71 16.27
CA TYR B 46 -5.93 4.49 16.19
C TYR B 46 -5.62 5.95 16.51
N VAL B 47 -6.03 6.86 15.63
CA VAL B 47 -5.76 8.29 15.79
C VAL B 47 -6.96 8.87 16.52
N GLY B 48 -6.89 8.87 17.85
CA GLY B 48 -7.99 9.38 18.65
C GLY B 48 -8.30 10.84 18.38
N SER B 49 -7.31 11.60 17.92
CA SER B 49 -7.48 13.03 17.72
C SER B 49 -6.57 13.49 16.59
N ALA B 50 -7.18 13.99 15.51
CA ALA B 50 -6.39 14.55 14.42
C ALA B 50 -5.60 15.77 14.85
N GLU B 51 -6.03 16.45 15.91
CA GLU B 51 -5.42 17.71 16.32
C GLU B 51 -4.19 17.53 17.22
N SER B 52 -3.96 16.34 17.75
CA SER B 52 -2.81 16.13 18.62
C SER B 52 -2.44 14.65 18.62
N GLU B 53 -1.14 14.38 18.64
CA GLU B 53 -0.64 13.01 18.50
C GLU B 53 -0.64 12.24 19.82
N GLU B 54 -0.69 12.92 20.96
CA GLU B 54 -0.66 12.21 22.24
C GLU B 54 -1.91 11.35 22.46
N TYR B 55 -2.93 11.49 21.64
CA TYR B 55 -4.14 10.67 21.73
C TYR B 55 -4.13 9.50 20.76
N ASP B 56 -2.97 9.17 20.19
CA ASP B 56 -2.83 7.94 19.44
C ASP B 56 -2.89 6.74 20.38
N GLN B 57 -3.54 5.67 19.92
CA GLN B 57 -3.62 4.43 20.67
C GLN B 57 -3.08 3.29 19.80
N VAL B 58 -2.10 2.58 20.33
CA VAL B 58 -1.61 1.36 19.69
C VAL B 58 -2.52 0.22 20.11
N LEU B 59 -3.39 -0.22 19.19
CA LEU B 59 -4.42 -1.19 19.56
C LEU B 59 -3.84 -2.59 19.76
N ASP B 60 -2.94 -3.01 18.87
CA ASP B 60 -2.30 -4.31 19.01
C ASP B 60 -1.11 -4.38 18.07
N SER B 61 -0.22 -5.32 18.34
CA SER B 61 0.92 -5.59 17.49
C SER B 61 1.07 -7.10 17.36
N VAL B 62 1.58 -7.54 16.22
CA VAL B 62 1.81 -8.96 15.98
C VAL B 62 3.19 -9.13 15.36
N LEU B 63 4.00 -10.01 15.93
CA LEU B 63 5.37 -10.26 15.50
C LEU B 63 5.40 -11.57 14.72
N VAL B 64 5.77 -11.50 13.44
CA VAL B 64 5.67 -12.66 12.57
C VAL B 64 6.94 -13.49 12.51
N GLY B 65 8.05 -12.99 13.04
CA GLY B 65 9.26 -13.78 13.11
C GLY B 65 9.80 -14.14 11.74
N PRO B 66 10.50 -15.27 11.64
CA PRO B 66 11.08 -15.66 10.34
C PRO B 66 10.00 -15.81 9.28
N VAL B 67 10.25 -15.23 8.12
CA VAL B 67 9.25 -15.09 7.07
C VAL B 67 9.78 -15.81 5.82
N PRO B 68 9.25 -16.99 5.52
CA PRO B 68 9.66 -17.67 4.28
C PRO B 68 9.10 -16.97 3.05
N ALA B 69 9.76 -17.24 1.91
CA ALA B 69 9.34 -16.65 0.65
C ALA B 69 8.01 -17.26 0.19
N GLY B 70 7.27 -16.47 -0.59
CA GLY B 70 6.05 -16.94 -1.21
C GLY B 70 4.87 -16.07 -0.85
N ARG B 71 3.68 -16.61 -1.13
CA ARG B 71 2.42 -15.90 -0.92
C ARG B 71 1.98 -16.05 0.54
N HIS B 72 1.64 -14.93 1.17
CA HIS B 72 1.22 -14.90 2.56
C HIS B 72 -0.17 -14.30 2.70
N MET B 73 -0.90 -14.80 3.69
CA MET B 73 -2.19 -14.24 4.09
C MET B 73 -2.30 -14.40 5.60
N PHE B 74 -2.75 -13.36 6.28
CA PHE B 74 -3.01 -13.47 7.71
C PHE B 74 -4.09 -12.49 8.11
N VAL B 75 -4.67 -12.72 9.28
CA VAL B 75 -5.73 -11.89 9.84
C VAL B 75 -5.18 -11.19 11.08
N PHE B 76 -5.33 -9.88 11.11
CA PHE B 76 -4.80 -9.04 12.18
C PHE B 76 -5.99 -8.48 12.96
N GLN B 77 -6.17 -8.95 14.19
CA GLN B 77 -7.25 -8.50 15.05
C GLN B 77 -6.69 -7.68 16.19
N ALA B 78 -7.39 -6.59 16.52
CA ALA B 78 -6.95 -5.67 17.57
C ALA B 78 -8.17 -5.13 18.31
N ASP B 79 -8.09 -5.12 19.64
CA ASP B 79 -9.16 -4.56 20.44
C ASP B 79 -9.42 -3.11 20.07
N ALA B 80 -10.67 -2.68 20.24
CA ALA B 80 -11.07 -1.33 19.89
C ALA B 80 -10.36 -0.32 20.80
N PRO B 81 -10.25 0.94 20.35
CA PRO B 81 -9.61 1.96 21.19
C PRO B 81 -10.35 2.14 22.52
N ASN B 82 -9.62 2.65 23.50
CA ASN B 82 -10.18 2.96 24.81
C ASN B 82 -10.85 4.32 24.74
N PRO B 83 -12.19 4.38 24.83
CA PRO B 83 -12.87 5.67 24.67
C PRO B 83 -12.52 6.68 25.74
N GLY B 84 -12.05 6.24 26.90
CA GLY B 84 -11.63 7.18 27.93
C GLY B 84 -10.51 8.10 27.47
N LEU B 85 -9.78 7.71 26.43
CA LEU B 85 -8.64 8.48 25.94
C LEU B 85 -8.94 9.21 24.64
N ILE B 86 -10.18 9.16 24.17
CA ILE B 86 -10.58 9.87 22.95
C ILE B 86 -11.22 11.19 23.37
N PRO B 87 -10.73 12.34 22.91
CA PRO B 87 -11.39 13.60 23.25
C PRO B 87 -12.82 13.62 22.76
N ASP B 88 -13.70 14.26 23.54
CA ASP B 88 -15.11 14.33 23.19
C ASP B 88 -15.31 14.83 21.76
N ALA B 89 -14.58 15.88 21.38
CA ALA B 89 -14.82 16.53 20.09
C ALA B 89 -14.51 15.60 18.93
N ASP B 90 -13.61 14.63 19.11
CA ASP B 90 -13.17 13.77 18.03
C ASP B 90 -13.88 12.42 18.01
N ALA B 91 -14.66 12.09 19.04
CA ALA B 91 -15.30 10.78 19.10
C ALA B 91 -16.31 10.61 17.98
N VAL B 92 -17.13 11.62 17.72
CA VAL B 92 -18.12 11.59 16.65
C VAL B 92 -17.57 12.35 15.47
N GLY B 93 -17.55 11.70 14.30
CA GLY B 93 -17.01 12.27 13.10
C GLY B 93 -16.01 11.33 12.48
N VAL B 94 -15.10 11.91 11.71
CA VAL B 94 -14.11 11.13 10.95
C VAL B 94 -12.79 11.14 11.70
N THR B 95 -12.17 9.98 11.81
CA THR B 95 -10.80 9.87 12.32
C THR B 95 -10.06 8.87 11.43
N VAL B 96 -8.88 8.44 11.86
CA VAL B 96 -8.02 7.60 11.05
C VAL B 96 -7.57 6.40 11.86
N VAL B 97 -7.50 5.24 11.20
CA VAL B 97 -6.82 4.06 11.72
C VAL B 97 -5.70 3.71 10.76
N LEU B 98 -4.60 3.22 11.31
CA LEU B 98 -3.41 2.96 10.53
C LEU B 98 -2.94 1.52 10.75
N ILE B 99 -2.46 0.90 9.68
CA ILE B 99 -1.76 -0.38 9.74
C ILE B 99 -0.32 -0.12 9.29
N THR B 100 0.63 -0.54 10.11
CA THR B 100 2.04 -0.39 9.78
C THR B 100 2.73 -1.74 9.85
N CYS B 101 3.86 -1.83 9.17
CA CYS B 101 4.72 -3.01 9.26
C CYS B 101 6.18 -2.56 9.24
N THR B 102 6.97 -3.17 10.10
CA THR B 102 8.40 -2.91 10.15
C THR B 102 9.15 -4.21 9.86
N TYR B 103 10.31 -4.07 9.24
CA TYR B 103 11.28 -5.16 9.13
C TYR B 103 12.55 -4.74 9.85
N ARG B 104 12.98 -5.55 10.82
CA ARG B 104 14.08 -5.17 11.70
C ARG B 104 13.82 -3.81 12.36
N GLY B 105 12.56 -3.56 12.70
CA GLY B 105 12.20 -2.29 13.31
C GLY B 105 12.18 -1.11 12.37
N GLN B 106 12.39 -1.32 11.08
CA GLN B 106 12.34 -0.26 10.08
C GLN B 106 10.99 -0.31 9.39
N GLU B 107 10.21 0.76 9.52
CA GLU B 107 8.87 0.80 8.96
C GLU B 107 8.95 1.02 7.45
N PHE B 108 8.45 0.06 6.68
CA PHE B 108 8.53 0.12 5.23
C PHE B 108 7.18 0.33 4.55
N ILE B 109 6.07 0.17 5.26
CA ILE B 109 4.76 0.38 4.66
C ILE B 109 3.78 0.84 5.72
N ARG B 110 2.74 1.54 5.27
CA ARG B 110 1.73 2.12 6.14
C ARG B 110 0.45 2.24 5.34
N VAL B 111 -0.62 1.63 5.85
CA VAL B 111 -1.93 1.64 5.19
C VAL B 111 -2.89 2.36 6.12
N GLY B 112 -3.49 3.44 5.64
CA GLY B 112 -4.36 4.28 6.44
C GLY B 112 -5.78 4.29 5.88
N TYR B 113 -6.75 4.25 6.78
CA TYR B 113 -8.17 4.33 6.44
C TYR B 113 -8.82 5.46 7.21
N TYR B 114 -9.73 6.17 6.55
CA TYR B 114 -10.64 7.05 7.27
C TYR B 114 -11.70 6.21 7.98
N VAL B 115 -12.09 6.65 9.17
CA VAL B 115 -13.07 5.95 9.98
C VAL B 115 -14.13 6.96 10.40
N ASN B 116 -15.38 6.68 10.06
CA ASN B 116 -16.50 7.55 10.42
C ASN B 116 -17.27 6.92 11.56
N ASN B 117 -17.37 7.64 12.67
CA ASN B 117 -18.10 7.18 13.84
C ASN B 117 -19.33 8.06 14.02
N GLU B 118 -20.51 7.44 14.00
CA GLU B 118 -21.76 8.19 14.03
C GLU B 118 -22.80 7.40 14.81
N TYR B 119 -23.77 8.12 15.37
CA TYR B 119 -24.92 7.47 15.98
C TYR B 119 -25.83 6.92 14.88
N THR B 120 -26.61 5.89 15.25
CA THR B 120 -27.49 5.23 14.29
C THR B 120 -28.92 5.77 14.32
N GLU B 121 -29.40 6.20 15.48
CA GLU B 121 -30.77 6.66 15.60
C GLU B 121 -30.84 8.17 15.39
N THR B 122 -31.82 8.61 14.58
CA THR B 122 -31.93 10.01 14.21
C THR B 122 -32.01 10.92 15.42
N GLU B 123 -32.62 10.46 16.50
CA GLU B 123 -32.75 11.31 17.68
C GLU B 123 -31.39 11.63 18.29
N LEU B 124 -30.51 10.63 18.38
CA LEU B 124 -29.17 10.88 18.89
C LEU B 124 -28.33 11.68 17.90
N ARG B 125 -28.47 11.40 16.60
CA ARG B 125 -27.71 12.13 15.59
C ARG B 125 -28.02 13.62 15.65
N GLU B 126 -29.28 13.99 15.84
CA GLU B 126 -29.67 15.39 15.78
C GLU B 126 -29.35 16.13 17.07
N ASN B 127 -29.48 15.47 18.22
CA ASN B 127 -29.20 16.08 19.51
C ASN B 127 -28.22 15.19 20.27
N PRO B 128 -26.94 15.27 19.94
CA PRO B 128 -25.96 14.37 20.57
C PRO B 128 -25.67 14.81 21.99
N PRO B 129 -25.35 13.87 22.88
CA PRO B 129 -24.92 14.26 24.23
C PRO B 129 -23.51 14.83 24.21
N VAL B 130 -23.25 15.74 25.15
CA VAL B 130 -21.95 16.40 25.21
C VAL B 130 -20.84 15.36 25.33
N LYS B 131 -20.94 14.48 26.33
CA LYS B 131 -20.05 13.33 26.40
C LYS B 131 -20.55 12.26 25.43
N PRO B 132 -19.77 11.88 24.42
CA PRO B 132 -20.26 10.87 23.47
C PRO B 132 -20.62 9.56 24.16
N ASP B 133 -21.73 8.98 23.70
CA ASP B 133 -22.17 7.66 24.17
C ASP B 133 -21.61 6.61 23.21
N PHE B 134 -20.46 6.04 23.56
CA PHE B 134 -19.76 5.15 22.64
C PHE B 134 -20.52 3.83 22.43
N SER B 135 -21.33 3.42 23.40
CA SER B 135 -22.12 2.21 23.23
C SER B 135 -23.22 2.35 22.19
N LYS B 136 -23.46 3.57 21.70
CA LYS B 136 -24.45 3.81 20.66
C LYS B 136 -23.82 4.26 19.35
N LEU B 137 -22.49 4.33 19.26
CA LEU B 137 -21.82 4.75 18.06
C LEU B 137 -21.55 3.56 17.14
N GLN B 138 -21.68 3.79 15.84
CA GLN B 138 -21.35 2.82 14.82
C GLN B 138 -20.03 3.23 14.16
N ARG B 139 -19.12 2.29 14.03
CA ARG B 139 -17.84 2.52 13.36
C ARG B 139 -17.94 2.04 11.92
N ASN B 140 -17.71 2.94 10.98
CA ASN B 140 -17.67 2.60 9.56
C ASN B 140 -16.29 2.95 9.02
N ILE B 141 -15.48 1.92 8.77
CA ILE B 141 -14.19 2.12 8.13
C ILE B 141 -14.42 2.28 6.63
N LEU B 142 -13.88 3.35 6.07
CA LEU B 142 -14.05 3.64 4.64
C LEU B 142 -13.04 2.80 3.87
N ALA B 143 -13.35 1.50 3.78
CA ALA B 143 -12.43 0.53 3.20
C ALA B 143 -12.19 0.75 1.71
N SER B 144 -13.02 1.56 1.05
CA SER B 144 -12.89 1.72 -0.39
C SER B 144 -11.67 2.56 -0.77
N ASN B 145 -11.21 3.43 0.12
CA ASN B 145 -10.18 4.41 -0.20
C ASN B 145 -9.04 4.33 0.81
N PRO B 146 -8.22 3.29 0.74
CA PRO B 146 -7.03 3.22 1.57
C PRO B 146 -5.94 4.16 1.06
N ARG B 147 -5.17 4.69 2.01
CA ARG B 147 -3.99 5.48 1.70
C ARG B 147 -2.76 4.62 2.01
N VAL B 148 -2.05 4.23 0.96
CA VAL B 148 -0.87 3.39 1.08
C VAL B 148 0.37 4.26 0.90
N THR B 149 1.28 4.20 1.87
CA THR B 149 2.55 4.90 1.80
C THR B 149 3.67 3.91 2.07
N ARG B 150 4.64 3.86 1.17
CA ARG B 150 5.81 3.01 1.33
C ARG B 150 7.03 3.87 1.67
N PHE B 151 7.94 3.28 2.43
CA PHE B 151 9.15 3.96 2.85
C PHE B 151 10.36 3.09 2.51
N HIS B 152 11.46 3.75 2.17
CA HIS B 152 12.70 3.04 1.87
C HIS B 152 13.38 2.62 3.16
N ILE B 153 13.75 1.33 3.24
CA ILE B 153 14.50 0.80 4.37
C ILE B 153 15.66 -0.02 3.84
N ASN B 154 16.52 -0.46 4.76
CA ASN B 154 17.60 -1.37 4.45
C ASN B 154 17.10 -2.80 4.56
N TRP B 155 17.10 -3.52 3.45
CA TRP B 155 16.64 -4.90 3.41
C TRP B 155 17.79 -5.91 3.43
N GLU B 156 19.03 -5.47 3.21
CA GLU B 156 20.17 -6.36 3.12
C GLU B 156 19.90 -7.51 2.17
N MET C 3 45.99 21.33 16.86
CA MET C 3 45.51 22.35 15.94
C MET C 3 43.99 22.47 16.04
N ALA C 4 43.48 23.69 15.97
CA ALA C 4 42.06 23.94 16.20
C ALA C 4 41.26 23.47 14.99
N LYS C 5 40.28 22.59 15.24
CA LYS C 5 39.48 22.02 14.17
C LYS C 5 38.37 22.94 13.69
N VAL C 6 38.02 23.97 14.45
CA VAL C 6 36.95 24.89 14.10
C VAL C 6 37.48 26.31 14.19
N GLN C 7 37.16 27.13 13.18
CA GLN C 7 37.48 28.54 13.18
C GLN C 7 36.21 29.34 12.94
N VAL C 8 36.06 30.45 13.65
CA VAL C 8 34.99 31.40 13.40
C VAL C 8 35.52 32.46 12.44
N ASN C 9 34.91 32.55 11.26
CA ASN C 9 35.37 33.51 10.26
C ASN C 9 34.83 34.91 10.55
N ASN C 10 33.53 35.02 10.83
CA ASN C 10 32.93 36.33 11.01
C ASN C 10 31.58 36.17 11.69
N VAL C 11 31.15 37.24 12.36
CA VAL C 11 29.81 37.36 12.89
C VAL C 11 29.22 38.68 12.42
N VAL C 12 28.02 38.62 11.85
CA VAL C 12 27.29 39.82 11.43
C VAL C 12 26.07 39.95 12.34
N VAL C 13 25.85 41.16 12.84
CA VAL C 13 24.72 41.46 13.73
C VAL C 13 23.59 42.01 12.88
N LEU C 14 22.46 41.32 12.87
CA LEU C 14 21.30 41.71 12.08
C LEU C 14 20.34 42.50 12.95
N ASP C 15 19.50 43.31 12.30
CA ASP C 15 18.51 44.11 13.00
C ASP C 15 19.13 44.77 14.22
N ASN C 16 20.31 45.38 13.99
CA ASN C 16 21.20 45.71 15.11
C ASN C 16 20.64 46.85 15.96
N PRO C 17 20.40 48.06 15.42
CA PRO C 17 19.58 49.01 16.17
C PRO C 17 18.15 48.49 16.24
N SER C 18 17.69 48.12 17.42
CA SER C 18 16.39 47.46 17.55
C SER C 18 15.78 47.85 18.89
N PRO C 19 14.47 47.69 19.04
CA PRO C 19 13.88 47.79 20.37
C PRO C 19 14.46 46.73 21.29
N PHE C 20 14.51 47.06 22.58
CA PHE C 20 15.09 46.14 23.55
C PHE C 20 14.45 44.75 23.47
N TYR C 21 13.16 44.69 23.23
CA TYR C 21 12.43 43.43 23.25
C TYR C 21 12.60 42.61 21.98
N ASN C 22 13.30 43.12 20.97
CA ASN C 22 13.48 42.33 19.77
C ASN C 22 14.54 41.25 20.02
N PRO C 23 14.37 40.05 19.46
CA PRO C 23 15.37 38.99 19.68
C PRO C 23 16.70 39.37 19.06
N PHE C 24 17.76 38.83 19.63
CA PHE C 24 19.08 38.96 19.03
C PHE C 24 19.13 38.17 17.72
N GLN C 25 19.96 38.63 16.79
CA GLN C 25 20.12 37.96 15.50
C GLN C 25 21.59 38.04 15.10
N PHE C 26 22.29 36.93 15.25
CA PHE C 26 23.70 36.83 14.89
C PHE C 26 23.85 35.89 13.70
N GLU C 27 24.45 36.39 12.63
CA GLU C 27 24.78 35.60 11.46
C GLU C 27 26.23 35.16 11.61
N ILE C 28 26.45 33.88 11.88
CA ILE C 28 27.75 33.35 12.27
C ILE C 28 28.29 32.49 11.14
N THR C 29 29.45 32.88 10.61
CA THR C 29 30.16 32.10 9.60
C THR C 29 31.36 31.45 10.27
N PHE C 30 31.42 30.11 10.19
CA PHE C 30 32.52 29.35 10.75
C PHE C 30 32.92 28.28 9.74
N GLU C 31 34.12 27.73 9.91
CA GLU C 31 34.55 26.60 9.11
C GLU C 31 35.24 25.57 10.00
N CYS C 32 35.20 24.33 9.55
CA CYS C 32 35.89 23.23 10.20
C CYS C 32 36.78 22.53 9.19
N ILE C 33 37.93 22.05 9.67
CA ILE C 33 38.91 21.41 8.79
C ILE C 33 38.60 19.96 8.53
N GLU C 34 37.62 19.39 9.24
CA GLU C 34 37.21 18.00 9.03
C GLU C 34 35.72 17.89 9.32
N ASP C 35 35.13 16.80 8.87
CA ASP C 35 33.74 16.52 9.20
C ASP C 35 33.55 16.46 10.71
N LEU C 36 32.48 17.09 11.19
CA LEU C 36 32.13 17.09 12.61
C LEU C 36 30.84 16.31 12.82
N SER C 37 30.69 15.75 14.03
CA SER C 37 29.55 14.90 14.38
C SER C 37 28.92 15.39 15.67
N GLU C 38 28.07 16.41 15.58
CA GLU C 38 27.24 16.86 16.70
C GLU C 38 28.12 17.25 17.89
N ASP C 39 29.12 18.09 17.63
CA ASP C 39 30.13 18.42 18.63
C ASP C 39 30.06 19.87 19.12
N LEU C 40 29.36 20.74 18.42
CA LEU C 40 29.39 22.17 18.70
C LEU C 40 28.13 22.61 19.42
N GLU C 41 28.29 23.41 20.47
CA GLU C 41 27.17 24.06 21.14
C GLU C 41 27.46 25.55 21.21
N TRP C 42 26.58 26.35 20.62
CA TRP C 42 26.66 27.80 20.68
C TRP C 42 25.70 28.32 21.74
N LYS C 43 26.15 29.31 22.50
CA LYS C 43 25.33 29.94 23.53
C LYS C 43 25.44 31.45 23.42
N ILE C 44 24.39 32.13 23.89
CA ILE C 44 24.38 33.59 24.00
C ILE C 44 24.07 33.94 25.45
N ILE C 45 25.01 34.64 26.08
CA ILE C 45 24.89 35.05 27.48
C ILE C 45 24.74 36.56 27.52
N TYR C 46 23.74 37.04 28.26
CA TYR C 46 23.50 38.47 28.45
C TYR C 46 23.87 38.83 29.88
N VAL C 47 24.85 39.72 30.03
CA VAL C 47 25.31 40.16 31.34
C VAL C 47 24.38 41.29 31.79
N GLY C 48 23.39 40.95 32.63
CA GLY C 48 22.43 41.95 33.07
C GLY C 48 23.03 43.02 33.95
N SER C 49 24.10 42.69 34.67
CA SER C 49 24.69 43.61 35.64
C SER C 49 26.20 43.52 35.55
N ALA C 50 26.85 44.67 35.32
CA ALA C 50 28.31 44.72 35.31
C ALA C 50 28.90 44.52 36.70
N GLU C 51 28.11 44.75 37.76
CA GLU C 51 28.63 44.67 39.11
C GLU C 51 28.62 43.25 39.67
N SER C 52 27.72 42.40 39.17
CA SER C 52 27.62 41.03 39.69
C SER C 52 27.21 40.08 38.59
N GLU C 53 27.80 38.88 38.59
CA GLU C 53 27.56 37.89 37.56
C GLU C 53 26.31 37.06 37.82
N GLU C 54 25.68 37.17 38.99
CA GLU C 54 24.48 36.37 39.24
C GLU C 54 23.29 36.84 38.41
N TYR C 55 23.39 37.98 37.75
CA TYR C 55 22.33 38.47 36.86
C TYR C 55 22.61 38.14 35.40
N ASP C 56 23.55 37.22 35.14
CA ASP C 56 23.75 36.73 33.78
C ASP C 56 22.54 35.91 33.34
N GLN C 57 22.15 36.09 32.07
CA GLN C 57 21.04 35.34 31.49
C GLN C 57 21.54 34.59 30.27
N VAL C 58 21.34 33.27 30.26
CA VAL C 58 21.60 32.45 29.08
C VAL C 58 20.35 32.58 28.19
N LEU C 59 20.45 33.35 27.12
CA LEU C 59 19.28 33.63 26.30
C LEU C 59 18.83 32.38 25.53
N ASP C 60 19.78 31.65 24.96
CA ASP C 60 19.44 30.43 24.23
C ASP C 60 20.74 29.70 23.88
N SER C 61 20.58 28.54 23.27
CA SER C 61 21.71 27.73 22.83
C SER C 61 21.26 26.91 21.63
N VAL C 62 22.24 26.52 20.80
CA VAL C 62 21.96 25.64 19.68
C VAL C 62 23.14 24.69 19.51
N LEU C 63 22.84 23.40 19.37
CA LEU C 63 23.85 22.40 19.06
C LEU C 63 23.96 22.30 17.54
N VAL C 64 25.14 22.61 17.00
CA VAL C 64 25.35 22.49 15.56
C VAL C 64 25.75 21.04 15.28
N GLY C 65 24.89 20.32 14.56
CA GLY C 65 25.00 18.90 14.41
C GLY C 65 26.14 18.50 13.52
N PRO C 66 26.06 17.32 12.91
CA PRO C 66 27.08 16.95 11.93
C PRO C 66 27.10 17.98 10.81
N VAL C 67 28.30 18.43 10.48
CA VAL C 67 28.50 19.30 9.33
C VAL C 67 29.73 18.80 8.58
N PRO C 68 29.71 18.75 7.26
CA PRO C 68 30.92 18.34 6.53
C PRO C 68 32.00 19.40 6.66
N ALA C 69 33.24 18.97 6.40
CA ALA C 69 34.35 19.90 6.38
C ALA C 69 34.05 21.04 5.42
N GLY C 70 34.44 22.24 5.81
CA GLY C 70 34.26 23.42 4.98
C GLY C 70 33.66 24.55 5.76
N ARG C 71 33.26 25.60 5.04
CA ARG C 71 32.70 26.80 5.63
C ARG C 71 31.18 26.72 5.65
N HIS C 72 30.59 27.25 6.72
CA HIS C 72 29.15 27.24 6.88
C HIS C 72 28.71 28.53 7.57
N MET C 73 27.43 28.85 7.39
CA MET C 73 26.83 30.02 8.02
C MET C 73 25.46 29.63 8.56
N PHE C 74 25.09 30.24 9.68
CA PHE C 74 23.76 30.03 10.23
C PHE C 74 23.40 31.23 11.10
N VAL C 75 22.11 31.51 11.20
CA VAL C 75 21.60 32.63 11.96
C VAL C 75 21.20 32.12 13.34
N PHE C 76 21.94 32.56 14.35
CA PHE C 76 21.64 32.23 15.74
C PHE C 76 20.75 33.34 16.29
N GLN C 77 19.45 33.09 16.33
CA GLN C 77 18.49 34.03 16.89
C GLN C 77 18.10 33.60 18.29
N ALA C 78 17.92 34.57 19.18
CA ALA C 78 17.59 34.29 20.57
C ALA C 78 16.73 35.42 21.13
N ASP C 79 15.76 35.05 21.95
CA ASP C 79 14.85 36.03 22.53
C ASP C 79 15.60 36.97 23.47
N ALA C 80 15.10 38.20 23.56
CA ALA C 80 15.71 39.21 24.41
C ALA C 80 15.75 38.75 25.86
N PRO C 81 16.59 39.36 26.69
CA PRO C 81 16.65 38.98 28.10
C PRO C 81 15.37 39.34 28.84
N ASN C 82 15.22 38.72 30.01
CA ASN C 82 14.09 38.98 30.90
C ASN C 82 14.35 40.24 31.70
N PRO C 83 13.62 41.33 31.45
CA PRO C 83 13.90 42.57 32.20
C PRO C 83 13.70 42.43 33.69
N GLY C 84 12.77 41.58 34.12
CA GLY C 84 12.52 41.41 35.54
C GLY C 84 13.73 40.93 36.33
N LEU C 85 14.76 40.45 35.64
CA LEU C 85 15.99 40.00 36.28
C LEU C 85 17.14 40.99 36.11
N ILE C 86 16.91 42.10 35.42
CA ILE C 86 17.91 43.13 35.23
C ILE C 86 17.74 44.17 36.32
N PRO C 87 18.76 44.46 37.12
CA PRO C 87 18.63 45.54 38.11
C PRO C 87 18.41 46.88 37.42
N ASP C 88 17.59 47.72 38.06
CA ASP C 88 17.23 49.00 37.45
C ASP C 88 18.47 49.83 37.12
N ALA C 89 19.45 49.85 38.02
CA ALA C 89 20.63 50.67 37.80
C ALA C 89 21.39 50.26 36.54
N ASP C 90 21.26 49.01 36.12
CA ASP C 90 21.97 48.50 34.96
C ASP C 90 21.13 48.52 33.69
N ALA C 91 19.85 48.90 33.78
CA ALA C 91 18.98 48.83 32.61
C ALA C 91 19.42 49.82 31.53
N VAL C 92 19.67 51.07 31.92
CA VAL C 92 20.06 52.12 30.98
C VAL C 92 21.56 52.31 31.07
N GLY C 93 22.27 52.02 29.99
CA GLY C 93 23.70 52.20 29.94
C GLY C 93 24.36 51.06 29.18
N VAL C 94 25.62 50.85 29.49
CA VAL C 94 26.46 49.89 28.77
C VAL C 94 26.37 48.54 29.45
N THR C 95 26.32 47.49 28.63
CA THR C 95 26.25 46.11 29.10
C THR C 95 26.96 45.24 28.07
N VAL C 96 27.04 43.94 28.35
CA VAL C 96 27.78 43.01 27.49
C VAL C 96 26.88 41.84 27.13
N VAL C 97 27.01 41.38 25.87
CA VAL C 97 26.40 40.15 25.42
C VAL C 97 27.50 39.29 24.82
N LEU C 98 27.52 38.01 25.17
CA LEU C 98 28.58 37.10 24.79
C LEU C 98 28.03 36.00 23.89
N ILE C 99 28.81 35.63 22.88
CA ILE C 99 28.57 34.42 22.10
C ILE C 99 29.70 33.45 22.41
N THR C 100 29.35 32.24 22.83
CA THR C 100 30.34 31.23 23.17
C THR C 100 30.11 30.00 22.32
N CYS C 101 31.18 29.24 22.09
CA CYS C 101 31.07 27.96 21.40
C CYS C 101 31.98 26.94 22.07
N THR C 102 31.46 25.74 22.26
CA THR C 102 32.20 24.63 22.84
C THR C 102 32.31 23.50 21.82
N TYR C 103 33.37 22.72 21.98
CA TYR C 103 33.59 21.52 21.17
C TYR C 103 33.80 20.35 22.12
N ARG C 104 32.92 19.36 22.05
CA ARG C 104 32.95 18.25 22.99
C ARG C 104 32.93 18.75 24.43
N GLY C 105 32.14 19.78 24.68
CA GLY C 105 31.98 20.33 26.00
C GLY C 105 33.03 21.33 26.45
N GLN C 106 34.06 21.58 25.64
CA GLN C 106 35.16 22.46 26.03
C GLN C 106 35.06 23.75 25.22
N GLU C 107 34.95 24.88 25.92
CA GLU C 107 34.79 26.17 25.27
C GLU C 107 36.12 26.61 24.66
N PHE C 108 36.13 26.86 23.35
CA PHE C 108 37.35 27.26 22.66
C PHE C 108 37.32 28.70 22.14
N ILE C 109 36.19 29.40 22.22
CA ILE C 109 36.12 30.76 21.73
C ILE C 109 34.90 31.44 22.33
N ARG C 110 34.99 32.77 22.50
CA ARG C 110 33.84 33.57 22.86
C ARG C 110 33.98 34.93 22.19
N VAL C 111 32.83 35.52 21.82
CA VAL C 111 32.78 36.79 21.11
C VAL C 111 31.87 37.71 21.92
N GLY C 112 32.44 38.77 22.48
CA GLY C 112 31.74 39.66 23.39
C GLY C 112 31.50 41.02 22.76
N TYR C 113 30.23 41.43 22.78
CA TYR C 113 29.81 42.72 22.25
C TYR C 113 29.41 43.64 23.38
N TYR C 114 29.78 44.91 23.27
CA TYR C 114 29.21 45.94 24.13
C TYR C 114 27.84 46.33 23.56
N VAL C 115 26.85 46.40 24.45
CA VAL C 115 25.48 46.74 24.07
C VAL C 115 25.08 47.99 24.83
N ASN C 116 24.58 48.99 24.11
CA ASN C 116 24.20 50.27 24.69
C ASN C 116 22.69 50.39 24.65
N ASN C 117 22.07 50.42 25.83
CA ASN C 117 20.62 50.52 25.96
C ASN C 117 20.27 51.94 26.38
N GLU C 118 19.63 52.68 25.48
CA GLU C 118 19.27 54.07 25.73
C GLU C 118 17.87 54.33 25.21
N TYR C 119 17.23 55.38 25.76
CA TYR C 119 15.98 55.86 25.20
C TYR C 119 16.25 56.69 23.95
N THR C 120 15.22 56.83 23.12
CA THR C 120 15.32 57.60 21.88
C THR C 120 14.62 58.95 21.95
N GLU C 121 13.42 59.01 22.54
CA GLU C 121 12.71 60.27 22.63
C GLU C 121 13.41 61.20 23.61
N THR C 122 13.54 62.47 23.22
CA THR C 122 14.36 63.42 23.96
C THR C 122 13.86 63.66 25.37
N GLU C 123 12.59 63.37 25.67
CA GLU C 123 12.07 63.60 27.01
C GLU C 123 12.67 62.62 28.01
N LEU C 124 12.60 61.33 27.71
CA LEU C 124 13.10 60.32 28.65
C LEU C 124 14.61 60.41 28.82
N ARG C 125 15.33 60.77 27.76
CA ARG C 125 16.79 60.91 27.87
C ARG C 125 17.16 61.95 28.92
N GLU C 126 16.52 63.12 28.86
CA GLU C 126 16.87 64.20 29.78
C GLU C 126 16.37 63.92 31.19
N ASN C 127 15.28 63.17 31.34
CA ASN C 127 14.72 62.84 32.65
C ASN C 127 14.30 61.38 32.64
N PRO C 128 15.25 60.46 32.74
CA PRO C 128 14.90 59.04 32.71
C PRO C 128 14.07 58.65 33.92
N PRO C 129 13.04 57.83 33.74
CA PRO C 129 12.18 57.48 34.88
C PRO C 129 12.94 56.66 35.91
N VAL C 130 12.37 56.61 37.11
CA VAL C 130 12.99 55.85 38.20
C VAL C 130 12.99 54.36 37.87
N LYS C 131 11.84 53.83 37.44
CA LYS C 131 11.76 52.44 37.00
C LYS C 131 11.95 52.39 35.49
N PRO C 132 12.92 51.62 34.98
CA PRO C 132 13.16 51.63 33.53
C PRO C 132 11.92 51.20 32.76
N ASP C 133 11.63 51.93 31.69
CA ASP C 133 10.58 51.56 30.74
C ASP C 133 11.25 50.81 29.60
N PHE C 134 11.20 49.48 29.65
CA PHE C 134 11.94 48.67 28.70
C PHE C 134 11.32 48.72 27.31
N SER C 135 10.01 48.99 27.22
CA SER C 135 9.36 49.08 25.92
C SER C 135 9.78 50.33 25.14
N LYS C 136 10.48 51.26 25.78
CA LYS C 136 10.99 52.45 25.12
C LYS C 136 12.50 52.44 24.96
N LEU C 137 13.18 51.38 25.42
CA LEU C 137 14.63 51.32 25.35
C LEU C 137 15.06 50.76 23.99
N GLN C 138 16.04 51.41 23.38
CA GLN C 138 16.65 50.94 22.14
C GLN C 138 17.92 50.18 22.47
N ARG C 139 18.06 48.98 21.91
CA ARG C 139 19.28 48.21 22.01
C ARG C 139 20.16 48.53 20.80
N ASN C 140 21.34 49.08 21.05
CA ASN C 140 22.34 49.27 20.00
C ASN C 140 23.54 48.39 20.33
N ILE C 141 23.70 47.30 19.59
CA ILE C 141 24.88 46.46 19.72
C ILE C 141 26.03 47.11 18.95
N LEU C 142 27.17 47.26 19.62
CA LEU C 142 28.36 47.84 18.99
C LEU C 142 29.04 46.71 18.22
N ALA C 143 28.49 46.43 17.03
CA ALA C 143 28.75 45.20 16.32
C ALA C 143 30.11 45.16 15.63
N SER C 144 30.65 46.30 15.24
CA SER C 144 31.74 46.32 14.27
C SER C 144 32.98 45.60 14.78
N ASN C 145 33.34 45.79 16.05
CA ASN C 145 34.59 45.23 16.58
C ASN C 145 34.37 44.65 17.98
N PRO C 146 33.88 43.43 18.06
CA PRO C 146 33.73 42.77 19.36
C PRO C 146 35.05 42.17 19.83
N ARG C 147 35.08 41.83 21.12
CA ARG C 147 36.25 41.21 21.73
C ARG C 147 36.18 39.70 21.53
N VAL C 148 37.26 39.13 21.00
CA VAL C 148 37.35 37.71 20.72
C VAL C 148 38.43 37.11 21.61
N THR C 149 38.07 36.03 22.30
CA THR C 149 39.00 35.32 23.17
C THR C 149 38.95 33.84 22.81
N ARG C 150 40.12 33.25 22.60
CA ARG C 150 40.25 31.84 22.30
C ARG C 150 40.89 31.12 23.50
N PHE C 151 40.56 29.84 23.64
CA PHE C 151 41.04 29.03 24.75
C PHE C 151 41.60 27.72 24.23
N HIS C 152 42.64 27.24 24.89
CA HIS C 152 43.19 25.93 24.59
C HIS C 152 42.22 24.85 25.04
N ILE C 153 41.90 23.92 24.13
CA ILE C 153 41.07 22.77 24.47
C ILE C 153 41.70 21.52 23.88
N ASN C 154 41.18 20.36 24.30
CA ASN C 154 41.55 19.09 23.70
C ASN C 154 40.69 18.89 22.46
N TRP C 155 41.29 19.09 21.29
CA TRP C 155 40.59 18.85 20.02
C TRP C 155 40.69 17.40 19.57
N GLU C 156 41.38 16.55 20.33
CA GLU C 156 41.61 15.16 19.92
C GLU C 156 40.64 14.20 20.60
N SER D 2 34.42 -0.77 -59.37
CA SER D 2 33.97 -2.00 -60.01
C SER D 2 32.52 -1.89 -60.47
N MET D 3 32.18 -2.66 -61.51
CA MET D 3 30.81 -2.71 -61.97
C MET D 3 29.95 -3.51 -61.00
N ALA D 4 28.66 -3.21 -60.98
CA ALA D 4 27.74 -3.93 -60.12
C ALA D 4 27.80 -5.43 -60.44
N LYS D 5 28.04 -6.24 -59.40
CA LYS D 5 28.20 -7.66 -59.59
C LYS D 5 26.88 -8.42 -59.65
N VAL D 6 25.76 -7.77 -59.33
CA VAL D 6 24.46 -8.42 -59.32
C VAL D 6 23.45 -7.49 -60.00
N GLN D 7 22.64 -8.05 -60.89
CA GLN D 7 21.53 -7.34 -61.52
C GLN D 7 20.25 -8.14 -61.29
N VAL D 8 19.16 -7.43 -61.05
CA VAL D 8 17.83 -8.04 -60.99
C VAL D 8 17.18 -7.83 -62.35
N ASN D 9 16.92 -8.93 -63.06
CA ASN D 9 16.39 -8.82 -64.41
C ASN D 9 14.87 -8.65 -64.42
N ASN D 10 14.16 -9.25 -63.47
CA ASN D 10 12.71 -9.14 -63.45
C ASN D 10 12.16 -9.75 -62.18
N VAL D 11 10.97 -9.27 -61.78
CA VAL D 11 10.22 -9.82 -60.67
C VAL D 11 8.82 -10.15 -61.17
N VAL D 12 8.33 -11.34 -60.85
CA VAL D 12 6.97 -11.76 -61.19
C VAL D 12 6.20 -11.93 -59.90
N VAL D 13 5.05 -11.27 -59.78
CA VAL D 13 4.21 -11.35 -58.60
C VAL D 13 3.20 -12.47 -58.83
N LEU D 14 3.34 -13.55 -58.07
CA LEU D 14 2.53 -14.75 -58.23
C LEU D 14 1.35 -14.72 -57.26
N ASP D 15 0.28 -15.41 -57.64
CA ASP D 15 -0.94 -15.43 -56.83
C ASP D 15 -1.35 -14.01 -56.48
N ASN D 16 -1.29 -13.12 -57.47
CA ASN D 16 -1.27 -11.69 -57.18
C ASN D 16 -2.58 -11.21 -56.55
N PRO D 17 -3.75 -11.43 -57.15
CA PRO D 17 -5.00 -11.26 -56.37
C PRO D 17 -5.16 -12.40 -55.39
N SER D 18 -5.26 -12.07 -54.10
CA SER D 18 -5.30 -13.09 -53.06
C SER D 18 -5.93 -12.48 -51.82
N PRO D 19 -6.42 -13.32 -50.90
CA PRO D 19 -6.82 -12.79 -49.60
C PRO D 19 -5.62 -12.30 -48.80
N PHE D 20 -5.92 -11.41 -47.85
CA PHE D 20 -4.85 -10.74 -47.11
C PHE D 20 -3.90 -11.75 -46.45
N TYR D 21 -4.44 -12.85 -45.92
CA TYR D 21 -3.65 -13.76 -45.11
C TYR D 21 -2.79 -14.72 -45.93
N ASN D 22 -2.88 -14.70 -47.27
CA ASN D 22 -2.02 -15.56 -48.05
C ASN D 22 -0.59 -15.02 -48.06
N PRO D 23 0.41 -15.89 -48.19
CA PRO D 23 1.79 -15.41 -48.22
C PRO D 23 2.08 -14.64 -49.51
N PHE D 24 3.02 -13.71 -49.40
CA PHE D 24 3.56 -13.08 -50.60
C PHE D 24 4.40 -14.10 -51.36
N GLN D 25 4.32 -14.06 -52.69
CA GLN D 25 5.08 -14.97 -53.55
C GLN D 25 5.66 -14.16 -54.69
N PHE D 26 6.97 -13.91 -54.64
CA PHE D 26 7.69 -13.20 -55.70
C PHE D 26 8.67 -14.16 -56.36
N GLU D 27 8.58 -14.26 -57.68
CA GLU D 27 9.51 -15.05 -58.49
C GLU D 27 10.58 -14.08 -59.01
N ILE D 28 11.78 -14.17 -58.44
CA ILE D 28 12.84 -13.20 -58.70
C ILE D 28 13.89 -13.85 -59.60
N THR D 29 14.19 -13.19 -60.71
CA THR D 29 15.30 -13.58 -61.59
C THR D 29 16.38 -12.52 -61.49
N PHE D 30 17.57 -12.94 -61.07
CA PHE D 30 18.71 -12.05 -60.95
C PHE D 30 19.91 -12.67 -61.66
N GLU D 31 20.96 -11.88 -61.83
CA GLU D 31 22.12 -12.28 -62.59
C GLU D 31 23.39 -11.87 -61.85
N CYS D 32 24.34 -12.79 -61.78
CA CYS D 32 25.63 -12.56 -61.12
C CYS D 32 26.71 -12.40 -62.18
N ILE D 33 27.49 -11.32 -62.06
CA ILE D 33 28.60 -11.10 -62.99
C ILE D 33 29.78 -12.01 -62.67
N GLU D 34 29.95 -12.40 -61.41
CA GLU D 34 31.02 -13.30 -61.01
C GLU D 34 30.48 -14.26 -59.96
N ASP D 35 31.28 -15.28 -59.64
CA ASP D 35 30.95 -16.17 -58.54
C ASP D 35 30.93 -15.39 -57.24
N LEU D 36 29.87 -15.56 -56.46
CA LEU D 36 29.70 -14.86 -55.20
C LEU D 36 29.91 -15.82 -54.04
N SER D 37 30.91 -15.52 -53.21
CA SER D 37 31.09 -16.20 -51.93
C SER D 37 30.27 -15.50 -50.85
N GLU D 38 30.51 -14.20 -50.67
CA GLU D 38 29.68 -13.39 -49.78
C GLU D 38 28.21 -13.59 -50.11
N ASP D 39 27.37 -13.53 -49.08
CA ASP D 39 25.95 -13.78 -49.24
C ASP D 39 25.21 -12.51 -49.65
N LEU D 40 24.18 -12.70 -50.47
CA LEU D 40 23.16 -11.69 -50.68
C LEU D 40 22.03 -11.91 -49.68
N GLU D 41 21.53 -10.83 -49.11
CA GLU D 41 20.38 -10.91 -48.23
C GLU D 41 19.19 -10.23 -48.91
N TRP D 42 18.14 -11.00 -49.15
CA TRP D 42 16.89 -10.49 -49.68
C TRP D 42 15.89 -10.34 -48.54
N LYS D 43 15.13 -9.25 -48.56
CA LYS D 43 14.05 -9.05 -47.61
C LYS D 43 12.79 -8.63 -48.34
N ILE D 44 11.64 -9.01 -47.78
CA ILE D 44 10.36 -8.45 -48.15
C ILE D 44 9.88 -7.61 -46.97
N ILE D 45 9.60 -6.34 -47.22
CA ILE D 45 9.26 -5.39 -46.17
C ILE D 45 7.86 -4.85 -46.47
N TYR D 46 6.96 -4.99 -45.51
CA TYR D 46 5.59 -4.51 -45.62
C TYR D 46 5.45 -3.19 -44.86
N VAL D 47 4.95 -2.16 -45.54
CA VAL D 47 4.75 -0.85 -44.92
C VAL D 47 3.36 -0.87 -44.29
N GLY D 48 3.33 -1.27 -43.02
CA GLY D 48 2.06 -1.35 -42.30
C GLY D 48 1.34 -0.03 -42.17
N SER D 49 2.06 1.09 -42.24
CA SER D 49 1.47 2.41 -42.11
C SER D 49 2.19 3.36 -43.06
N ALA D 50 1.48 3.89 -44.05
CA ALA D 50 2.05 4.89 -44.93
C ALA D 50 2.56 6.09 -44.14
N GLU D 51 2.04 6.33 -42.94
CA GLU D 51 2.35 7.52 -42.18
C GLU D 51 3.63 7.41 -41.37
N SER D 52 4.16 6.20 -41.15
CA SER D 52 5.31 6.06 -40.28
C SER D 52 6.11 4.81 -40.62
N GLU D 53 7.45 4.94 -40.59
CA GLU D 53 8.33 3.79 -40.74
C GLU D 53 8.21 2.81 -39.57
N GLU D 54 7.72 3.27 -38.42
CA GLU D 54 7.68 2.44 -37.23
C GLU D 54 6.95 1.13 -37.46
N TYR D 55 5.92 1.14 -38.30
CA TYR D 55 5.09 -0.04 -38.53
C TYR D 55 5.47 -0.79 -39.79
N ASP D 56 6.71 -0.64 -40.24
CA ASP D 56 7.25 -1.51 -41.27
C ASP D 56 7.51 -2.89 -40.67
N GLN D 57 7.09 -3.93 -41.38
CA GLN D 57 7.30 -5.32 -40.95
C GLN D 57 8.20 -6.02 -41.95
N VAL D 58 9.35 -6.49 -41.47
CA VAL D 58 10.22 -7.34 -42.27
C VAL D 58 9.60 -8.73 -42.25
N LEU D 59 8.87 -9.06 -43.32
CA LEU D 59 8.10 -10.31 -43.35
C LEU D 59 9.03 -11.52 -43.26
N ASP D 60 10.13 -11.51 -44.00
CA ASP D 60 11.14 -12.55 -43.90
C ASP D 60 12.38 -12.09 -44.66
N SER D 61 13.44 -12.90 -44.56
CA SER D 61 14.70 -12.59 -45.23
C SER D 61 15.34 -13.91 -45.65
N VAL D 62 16.05 -13.88 -46.77
CA VAL D 62 16.75 -15.05 -47.27
C VAL D 62 18.17 -14.66 -47.61
N LEU D 63 19.14 -15.44 -47.09
CA LEU D 63 20.54 -15.28 -47.45
C LEU D 63 20.84 -16.22 -48.60
N VAL D 64 21.13 -15.65 -49.77
CA VAL D 64 21.46 -16.45 -50.94
C VAL D 64 22.94 -16.83 -50.84
N GLY D 65 23.21 -18.11 -50.60
CA GLY D 65 24.54 -18.59 -50.32
C GLY D 65 25.47 -18.40 -51.49
N PRO D 66 26.51 -19.21 -51.56
CA PRO D 66 27.43 -19.14 -52.71
C PRO D 66 26.67 -19.42 -54.00
N VAL D 67 26.89 -18.57 -54.99
CA VAL D 67 26.20 -18.69 -56.27
C VAL D 67 27.21 -18.48 -57.40
N PRO D 68 27.28 -19.39 -58.36
CA PRO D 68 28.19 -19.16 -59.49
C PRO D 68 27.67 -18.05 -60.39
N ALA D 69 28.60 -17.46 -61.14
CA ALA D 69 28.23 -16.41 -62.07
C ALA D 69 27.15 -16.91 -63.02
N GLY D 70 26.26 -16.00 -63.42
CA GLY D 70 25.23 -16.31 -64.37
C GLY D 70 23.86 -15.89 -63.86
N ARG D 71 22.83 -16.39 -64.53
CA ARG D 71 21.45 -16.00 -64.27
C ARG D 71 20.77 -17.08 -63.45
N HIS D 72 20.05 -16.66 -62.41
CA HIS D 72 19.37 -17.60 -61.52
C HIS D 72 17.98 -17.08 -61.19
N MET D 73 17.14 -17.97 -60.68
CA MET D 73 15.81 -17.60 -60.23
C MET D 73 15.48 -18.38 -58.96
N PHE D 74 14.71 -17.73 -58.09
CA PHE D 74 14.14 -18.39 -56.93
C PHE D 74 12.83 -17.70 -56.58
N VAL D 75 11.92 -18.45 -55.99
CA VAL D 75 10.66 -17.91 -55.51
C VAL D 75 10.86 -17.49 -54.06
N PHE D 76 10.61 -16.22 -53.77
CA PHE D 76 10.73 -15.67 -52.42
C PHE D 76 9.33 -15.61 -51.82
N GLN D 77 9.03 -16.55 -50.93
CA GLN D 77 7.75 -16.59 -50.24
C GLN D 77 7.93 -16.12 -48.81
N ALA D 78 7.02 -15.26 -48.35
CA ALA D 78 7.07 -14.72 -47.00
C ALA D 78 5.68 -14.64 -46.42
N ASP D 79 5.53 -15.04 -45.16
CA ASP D 79 4.23 -14.99 -44.50
C ASP D 79 3.68 -13.57 -44.52
N ALA D 80 2.34 -13.47 -44.48
CA ALA D 80 1.66 -12.19 -44.58
C ALA D 80 1.98 -11.34 -43.35
N PRO D 81 1.67 -10.04 -43.40
CA PRO D 81 1.95 -9.18 -42.24
C PRO D 81 1.05 -9.51 -41.07
N ASN D 82 1.52 -9.14 -39.88
CA ASN D 82 0.77 -9.34 -38.65
C ASN D 82 -0.26 -8.23 -38.50
N PRO D 83 -1.56 -8.53 -38.61
CA PRO D 83 -2.55 -7.45 -38.45
C PRO D 83 -2.54 -6.81 -37.07
N GLY D 84 -2.08 -7.52 -36.04
CA GLY D 84 -1.96 -6.93 -34.72
C GLY D 84 -1.00 -5.76 -34.66
N LEU D 85 -0.17 -5.57 -35.68
CA LEU D 85 0.77 -4.46 -35.74
C LEU D 85 0.35 -3.37 -36.72
N ILE D 86 -0.84 -3.48 -37.30
CA ILE D 86 -1.29 -2.60 -38.37
C ILE D 86 -2.35 -1.65 -37.79
N PRO D 87 -2.14 -0.34 -37.83
CA PRO D 87 -3.19 0.58 -37.37
C PRO D 87 -4.49 0.36 -38.11
N ASP D 88 -5.60 0.37 -37.37
CA ASP D 88 -6.90 0.09 -37.96
C ASP D 88 -7.19 1.01 -39.14
N ALA D 89 -6.83 2.29 -39.03
CA ALA D 89 -7.12 3.24 -40.10
C ALA D 89 -6.29 2.99 -41.35
N ASP D 90 -5.27 2.14 -41.27
CA ASP D 90 -4.43 1.80 -42.42
C ASP D 90 -4.77 0.45 -43.02
N ALA D 91 -5.68 -0.31 -42.40
CA ALA D 91 -6.01 -1.64 -42.89
C ALA D 91 -6.59 -1.59 -44.29
N VAL D 92 -7.65 -0.81 -44.48
CA VAL D 92 -8.33 -0.68 -45.76
C VAL D 92 -7.70 0.46 -46.53
N GLY D 93 -7.19 0.16 -47.72
CA GLY D 93 -6.61 1.19 -48.57
C GLY D 93 -5.32 0.76 -49.23
N VAL D 94 -4.48 1.74 -49.57
CA VAL D 94 -3.28 1.51 -50.35
C VAL D 94 -2.07 1.56 -49.42
N THR D 95 -1.21 0.56 -49.52
CA THR D 95 0.07 0.56 -48.81
C THR D 95 1.13 0.06 -49.78
N VAL D 96 2.34 -0.16 -49.27
CA VAL D 96 3.48 -0.53 -50.10
C VAL D 96 4.12 -1.80 -49.57
N VAL D 97 4.61 -2.62 -50.49
CA VAL D 97 5.46 -3.76 -50.17
C VAL D 97 6.76 -3.59 -50.93
N LEU D 98 7.87 -3.94 -50.29
CA LEU D 98 9.20 -3.72 -50.84
C LEU D 98 9.96 -5.03 -50.91
N ILE D 99 10.79 -5.14 -51.95
CA ILE D 99 11.79 -6.20 -52.05
C ILE D 99 13.15 -5.50 -52.13
N THR D 100 14.04 -5.86 -51.21
CA THR D 100 15.36 -5.27 -51.15
C THR D 100 16.41 -6.37 -51.21
N CYS D 101 17.59 -6.02 -51.68
CA CYS D 101 18.73 -6.92 -51.66
C CYS D 101 19.97 -6.14 -51.27
N THR D 102 20.80 -6.76 -50.44
CA THR D 102 22.02 -6.14 -49.96
C THR D 102 23.20 -7.05 -50.27
N TYR D 103 24.34 -6.41 -50.54
CA TYR D 103 25.60 -7.12 -50.72
C TYR D 103 26.60 -6.56 -49.72
N ARG D 104 27.17 -7.43 -48.89
CA ARG D 104 28.10 -7.00 -47.85
C ARG D 104 27.48 -5.87 -47.03
N GLY D 105 26.22 -6.07 -46.63
CA GLY D 105 25.51 -5.13 -45.79
C GLY D 105 25.00 -3.88 -46.48
N GLN D 106 25.25 -3.72 -47.77
CA GLN D 106 24.89 -2.52 -48.51
C GLN D 106 23.72 -2.83 -49.43
N GLU D 107 22.59 -2.17 -49.18
CA GLU D 107 21.44 -2.31 -50.05
C GLU D 107 21.77 -1.68 -51.40
N PHE D 108 21.64 -2.46 -52.47
CA PHE D 108 21.93 -1.97 -53.81
C PHE D 108 20.71 -1.93 -54.73
N ILE D 109 19.58 -2.50 -54.32
CA ILE D 109 18.37 -2.43 -55.13
C ILE D 109 17.15 -2.52 -54.22
N ARG D 110 16.08 -1.85 -54.63
CA ARG D 110 14.85 -1.76 -53.85
C ARG D 110 13.70 -1.73 -54.84
N VAL D 111 12.86 -2.76 -54.85
CA VAL D 111 11.72 -2.87 -55.74
C VAL D 111 10.46 -2.69 -54.93
N GLY D 112 9.71 -1.63 -55.23
CA GLY D 112 8.50 -1.28 -54.50
C GLY D 112 7.26 -1.51 -55.33
N TYR D 113 6.21 -2.00 -54.67
CA TYR D 113 4.90 -2.18 -55.27
C TYR D 113 3.86 -1.51 -54.38
N TYR D 114 2.90 -0.83 -55.01
CA TYR D 114 1.71 -0.40 -54.29
C TYR D 114 0.78 -1.59 -54.10
N VAL D 115 0.10 -1.63 -52.97
CA VAL D 115 -0.75 -2.75 -52.59
C VAL D 115 -2.09 -2.19 -52.13
N ASN D 116 -3.17 -2.65 -52.76
CA ASN D 116 -4.51 -2.19 -52.43
C ASN D 116 -5.24 -3.29 -51.68
N ASN D 117 -5.55 -3.03 -50.41
CA ASN D 117 -6.32 -3.94 -49.58
C ASN D 117 -7.76 -3.43 -49.49
N GLU D 118 -8.70 -4.24 -49.95
CA GLU D 118 -10.10 -3.83 -50.01
C GLU D 118 -10.98 -5.04 -49.73
N TYR D 119 -12.20 -4.76 -49.28
CA TYR D 119 -13.19 -5.81 -49.12
C TYR D 119 -13.79 -6.17 -50.49
N THR D 120 -14.31 -7.39 -50.58
CA THR D 120 -15.00 -7.83 -51.79
C THR D 120 -16.51 -7.87 -51.62
N GLU D 121 -17.00 -8.24 -50.43
CA GLU D 121 -18.42 -8.15 -50.15
C GLU D 121 -18.88 -6.70 -50.27
N THR D 122 -19.91 -6.48 -51.10
CA THR D 122 -20.43 -5.13 -51.30
C THR D 122 -20.89 -4.51 -49.98
N GLU D 123 -21.44 -5.33 -49.08
CA GLU D 123 -21.89 -4.82 -47.79
C GLU D 123 -20.73 -4.22 -47.01
N LEU D 124 -19.54 -4.83 -47.08
CA LEU D 124 -18.40 -4.37 -46.31
C LEU D 124 -17.66 -3.22 -46.97
N ARG D 125 -17.79 -3.05 -48.28
CA ARG D 125 -17.07 -1.97 -48.95
C ARG D 125 -17.73 -0.61 -48.69
N GLU D 126 -19.06 -0.56 -48.70
CA GLU D 126 -19.76 0.69 -48.40
C GLU D 126 -20.00 0.89 -46.91
N ASN D 127 -19.96 -0.18 -46.12
CA ASN D 127 -20.14 -0.09 -44.66
C ASN D 127 -19.04 -0.88 -43.96
N PRO D 128 -17.79 -0.46 -44.11
CA PRO D 128 -16.67 -1.19 -43.51
C PRO D 128 -16.78 -1.19 -41.99
N PRO D 129 -16.44 -2.30 -41.34
CA PRO D 129 -16.54 -2.35 -39.88
C PRO D 129 -15.48 -1.48 -39.21
N VAL D 130 -15.84 -0.96 -38.03
CA VAL D 130 -14.91 -0.12 -37.28
C VAL D 130 -13.58 -0.84 -37.08
N LYS D 131 -13.64 -2.08 -36.62
CA LYS D 131 -12.46 -2.92 -36.51
C LYS D 131 -12.29 -3.71 -37.82
N PRO D 132 -11.23 -3.49 -38.58
CA PRO D 132 -11.09 -4.20 -39.86
C PRO D 132 -11.14 -5.71 -39.67
N ASP D 133 -11.78 -6.39 -40.63
CA ASP D 133 -11.89 -7.84 -40.64
C ASP D 133 -10.93 -8.35 -41.70
N PHE D 134 -9.72 -8.72 -41.27
CA PHE D 134 -8.69 -9.14 -42.22
C PHE D 134 -9.01 -10.46 -42.90
N SER D 135 -10.02 -11.20 -42.43
CA SER D 135 -10.45 -12.42 -43.10
C SER D 135 -11.20 -12.13 -44.38
N LYS D 136 -11.79 -10.93 -44.51
CA LYS D 136 -12.59 -10.56 -45.67
C LYS D 136 -11.87 -9.61 -46.61
N LEU D 137 -10.62 -9.24 -46.31
CA LEU D 137 -9.89 -8.29 -47.14
C LEU D 137 -9.12 -9.01 -48.24
N GLN D 138 -9.16 -8.43 -49.44
CA GLN D 138 -8.41 -8.94 -50.57
C GLN D 138 -7.20 -8.04 -50.82
N ARG D 139 -6.05 -8.66 -51.05
CA ARG D 139 -4.81 -7.96 -51.34
C ARG D 139 -4.56 -7.98 -52.83
N ASN D 140 -4.42 -6.80 -53.43
CA ASN D 140 -4.15 -6.67 -54.86
C ASN D 140 -2.83 -5.91 -55.03
N ILE D 141 -1.76 -6.66 -55.31
CA ILE D 141 -0.47 -6.05 -55.61
C ILE D 141 -0.52 -5.49 -57.02
N LEU D 142 -0.24 -4.20 -57.15
CA LEU D 142 -0.27 -3.52 -58.46
C LEU D 142 1.04 -3.83 -59.20
N ALA D 143 1.12 -5.08 -59.67
CA ALA D 143 2.37 -5.63 -60.18
C ALA D 143 2.80 -5.02 -61.51
N SER D 144 1.93 -4.29 -62.19
CA SER D 144 2.29 -3.73 -63.49
C SER D 144 3.12 -2.45 -63.38
N ASN D 145 3.22 -1.86 -62.20
CA ASN D 145 3.89 -0.57 -62.02
C ASN D 145 4.90 -0.64 -60.87
N PRO D 146 5.91 -1.49 -60.97
CA PRO D 146 6.96 -1.52 -59.95
C PRO D 146 7.82 -0.27 -59.98
N ARG D 147 8.33 0.09 -58.81
CA ARG D 147 9.30 1.17 -58.68
C ARG D 147 10.66 0.54 -58.32
N VAL D 148 11.64 0.73 -59.19
CA VAL D 148 12.96 0.16 -59.02
C VAL D 148 13.94 1.28 -58.75
N THR D 149 14.65 1.19 -57.61
CA THR D 149 15.68 2.14 -57.24
C THR D 149 16.97 1.37 -56.97
N ARG D 150 18.04 1.80 -57.62
CA ARG D 150 19.36 1.21 -57.44
C ARG D 150 20.27 2.18 -56.71
N PHE D 151 21.24 1.63 -55.98
CA PHE D 151 22.16 2.41 -55.18
C PHE D 151 23.60 2.00 -55.47
N HIS D 152 24.47 2.98 -55.62
CA HIS D 152 25.90 2.71 -55.69
C HIS D 152 26.37 2.10 -54.38
N ILE D 153 27.17 1.04 -54.45
CA ILE D 153 27.74 0.40 -53.28
C ILE D 153 29.18 0.01 -53.57
N ASN D 154 29.86 -0.47 -52.54
CA ASN D 154 31.23 -0.96 -52.66
C ASN D 154 31.17 -2.45 -52.95
N TRP D 155 31.37 -2.81 -54.22
CA TRP D 155 31.31 -4.20 -54.66
C TRP D 155 32.64 -4.93 -54.48
N GLU D 156 33.69 -4.24 -54.07
CA GLU D 156 35.02 -4.84 -53.95
C GLU D 156 35.39 -5.04 -52.49
N MET E 3 -2.58 -29.84 22.65
CA MET E 3 -3.86 -29.79 21.96
C MET E 3 -3.68 -29.29 20.52
N ALA E 4 -4.41 -29.89 19.60
CA ALA E 4 -4.38 -29.48 18.21
C ALA E 4 -4.94 -28.07 18.08
N LYS E 5 -4.09 -27.11 17.70
CA LYS E 5 -4.52 -25.72 17.57
C LYS E 5 -5.34 -25.45 16.33
N VAL E 6 -5.37 -26.37 15.37
CA VAL E 6 -6.06 -26.15 14.11
C VAL E 6 -6.86 -27.40 13.74
N GLN E 7 -8.05 -27.19 13.22
CA GLN E 7 -8.85 -28.25 12.62
C GLN E 7 -9.55 -27.70 11.38
N VAL E 8 -9.55 -28.47 10.31
CA VAL E 8 -10.17 -28.06 9.06
C VAL E 8 -11.63 -28.44 9.10
N ASN E 9 -12.50 -27.43 8.97
CA ASN E 9 -13.94 -27.68 9.04
C ASN E 9 -14.48 -28.22 7.72
N ASN E 10 -14.09 -27.60 6.60
CA ASN E 10 -14.73 -27.92 5.33
C ASN E 10 -13.85 -27.47 4.18
N VAL E 11 -13.88 -28.26 3.10
CA VAL E 11 -13.28 -27.89 1.82
C VAL E 11 -14.36 -28.01 0.77
N VAL E 12 -14.56 -26.96 -0.02
CA VAL E 12 -15.66 -26.88 -0.98
C VAL E 12 -15.10 -26.57 -2.36
N VAL E 13 -15.62 -27.26 -3.37
CA VAL E 13 -15.26 -27.02 -4.76
C VAL E 13 -16.50 -26.49 -5.46
N LEU E 14 -16.50 -25.19 -5.74
CA LEU E 14 -17.65 -24.53 -6.35
C LEU E 14 -17.67 -24.62 -7.87
N ASP E 15 -16.56 -25.01 -8.49
CA ASP E 15 -16.47 -25.13 -9.94
C ASP E 15 -15.93 -26.51 -10.28
N ASN E 16 -16.66 -27.54 -9.84
CA ASN E 16 -16.15 -28.91 -9.90
C ASN E 16 -15.97 -29.39 -11.34
N PRO E 17 -16.95 -29.27 -12.22
CA PRO E 17 -16.73 -29.67 -13.61
C PRO E 17 -16.18 -28.51 -14.42
N SER E 18 -14.93 -28.61 -14.87
CA SER E 18 -14.28 -27.50 -15.55
C SER E 18 -13.22 -28.05 -16.48
N PRO E 19 -12.75 -27.24 -17.43
CA PRO E 19 -11.70 -27.72 -18.34
C PRO E 19 -10.44 -28.09 -17.59
N PHE E 20 -9.64 -28.96 -18.21
CA PHE E 20 -8.37 -29.38 -17.61
C PHE E 20 -7.46 -28.19 -17.33
N TYR E 21 -7.43 -27.21 -18.23
CA TYR E 21 -6.50 -26.09 -18.11
C TYR E 21 -6.95 -25.04 -17.10
N ASN E 22 -8.19 -25.09 -16.63
CA ASN E 22 -8.64 -24.13 -15.63
C ASN E 22 -7.89 -24.35 -14.32
N PRO E 23 -7.38 -23.30 -13.68
CA PRO E 23 -6.70 -23.49 -12.40
C PRO E 23 -7.60 -24.13 -11.35
N PHE E 24 -6.98 -24.85 -10.42
CA PHE E 24 -7.72 -25.41 -9.29
C PHE E 24 -8.15 -24.30 -8.34
N GLN E 25 -9.18 -24.59 -7.54
CA GLN E 25 -9.69 -23.64 -6.57
C GLN E 25 -10.44 -24.38 -5.48
N PHE E 26 -10.13 -24.06 -4.23
CA PHE E 26 -10.78 -24.68 -3.07
C PHE E 26 -11.17 -23.60 -2.09
N GLU E 27 -12.41 -23.66 -1.61
CA GLU E 27 -12.88 -22.81 -0.52
C GLU E 27 -12.65 -23.58 0.78
N ILE E 28 -11.73 -23.09 1.61
CA ILE E 28 -11.26 -23.80 2.79
C ILE E 28 -11.74 -23.06 4.03
N THR E 29 -12.39 -23.79 4.92
CA THR E 29 -12.84 -23.27 6.21
C THR E 29 -12.11 -24.03 7.31
N PHE E 30 -11.32 -23.32 8.10
CA PHE E 30 -10.65 -23.89 9.26
C PHE E 30 -10.87 -22.98 10.45
N GLU E 31 -10.60 -23.51 11.63
CA GLU E 31 -10.72 -22.73 12.85
C GLU E 31 -9.59 -23.08 13.81
N CYS E 32 -9.13 -22.07 14.53
CA CYS E 32 -8.08 -22.23 15.52
C CYS E 32 -8.71 -22.19 16.91
N ILE E 33 -8.35 -23.16 17.75
CA ILE E 33 -8.90 -23.19 19.10
C ILE E 33 -8.29 -22.10 19.96
N GLU E 34 -7.06 -21.68 19.64
CA GLU E 34 -6.45 -20.54 20.30
C GLU E 34 -5.56 -19.82 19.29
N ASP E 35 -5.20 -18.59 19.62
CA ASP E 35 -4.42 -17.76 18.72
C ASP E 35 -3.27 -18.54 18.10
N LEU E 36 -3.13 -18.42 16.79
CA LEU E 36 -2.13 -19.14 16.03
C LEU E 36 -0.98 -18.18 15.72
N SER E 37 0.20 -18.47 16.29
CA SER E 37 1.32 -17.55 16.20
C SER E 37 2.23 -17.83 15.01
N GLU E 38 2.34 -19.09 14.59
CA GLU E 38 3.26 -19.48 13.52
C GLU E 38 2.46 -20.03 12.34
N ASP E 39 2.79 -19.56 11.15
CA ASP E 39 1.92 -19.74 9.99
C ASP E 39 1.70 -21.21 9.66
N LEU E 40 0.64 -21.45 8.89
CA LEU E 40 0.33 -22.74 8.29
C LEU E 40 0.72 -22.72 6.82
N GLU E 41 1.18 -23.86 6.32
CA GLU E 41 1.56 -23.98 4.91
C GLU E 41 0.58 -24.93 4.22
N TRP E 42 -0.23 -24.37 3.33
CA TRP E 42 -1.16 -25.14 2.52
C TRP E 42 -0.53 -25.40 1.16
N LYS E 43 -0.70 -26.62 0.65
CA LYS E 43 -0.20 -27.01 -0.66
C LYS E 43 -1.28 -27.74 -1.43
N ILE E 44 -1.27 -27.53 -2.75
CA ILE E 44 -2.09 -28.31 -3.67
C ILE E 44 -1.14 -29.13 -4.54
N ILE E 45 -1.32 -30.45 -4.52
CA ILE E 45 -0.38 -31.37 -5.15
C ILE E 45 -1.16 -32.26 -6.11
N TYR E 46 -0.71 -32.31 -7.36
CA TYR E 46 -1.33 -33.12 -8.40
C TYR E 46 -0.55 -34.42 -8.55
N VAL E 47 -1.24 -35.54 -8.43
CA VAL E 47 -0.65 -36.86 -8.63
C VAL E 47 -0.73 -37.15 -10.12
N GLY E 48 0.36 -36.88 -10.85
CA GLY E 48 0.38 -37.15 -12.27
C GLY E 48 0.23 -38.62 -12.60
N SER E 49 0.63 -39.49 -11.68
CA SER E 49 0.61 -40.93 -11.93
C SER E 49 0.42 -41.67 -10.62
N ALA E 50 -0.59 -42.53 -10.56
CA ALA E 50 -0.78 -43.40 -9.41
C ALA E 50 0.26 -44.52 -9.34
N GLU E 51 1.10 -44.66 -10.37
CA GLU E 51 2.12 -45.70 -10.38
C GLU E 51 3.43 -45.25 -9.77
N SER E 52 3.69 -43.94 -9.70
CA SER E 52 4.93 -43.44 -9.12
C SER E 52 4.73 -42.02 -8.62
N GLU E 53 5.47 -41.67 -7.56
CA GLU E 53 5.43 -40.33 -7.01
C GLU E 53 6.27 -39.34 -7.81
N GLU E 54 7.19 -39.84 -8.66
CA GLU E 54 8.01 -38.95 -9.47
C GLU E 54 7.18 -37.92 -10.21
N TYR E 55 5.95 -38.28 -10.61
CA TYR E 55 5.09 -37.42 -11.39
C TYR E 55 4.18 -36.57 -10.52
N ASP E 56 4.50 -36.39 -9.25
CA ASP E 56 3.78 -35.47 -8.38
C ASP E 56 4.19 -34.04 -8.69
N GLN E 57 3.20 -33.15 -8.83
CA GLN E 57 3.44 -31.74 -9.12
C GLN E 57 2.87 -30.92 -7.98
N VAL E 58 3.72 -30.17 -7.29
CA VAL E 58 3.27 -29.17 -6.33
C VAL E 58 2.78 -27.97 -7.15
N LEU E 59 1.47 -27.83 -7.28
CA LEU E 59 0.92 -26.80 -8.16
C LEU E 59 1.07 -25.41 -7.55
N ASP E 60 0.95 -25.29 -6.22
CA ASP E 60 1.10 -24.00 -5.58
C ASP E 60 1.02 -24.21 -4.07
N SER E 61 1.36 -23.16 -3.34
CA SER E 61 1.30 -23.16 -1.88
C SER E 61 1.01 -21.74 -1.40
N VAL E 62 0.43 -21.65 -0.21
CA VAL E 62 0.15 -20.37 0.42
C VAL E 62 0.39 -20.50 1.92
N LEU E 63 0.99 -19.48 2.52
CA LEU E 63 1.32 -19.47 3.94
C LEU E 63 0.30 -18.58 4.65
N VAL E 64 -0.61 -19.21 5.39
CA VAL E 64 -1.62 -18.48 6.15
C VAL E 64 -0.97 -18.05 7.46
N GLY E 65 -0.74 -16.75 7.61
CA GLY E 65 0.04 -16.23 8.70
C GLY E 65 -0.65 -16.36 10.04
N PRO E 66 -0.23 -15.59 11.04
CA PRO E 66 -0.91 -15.68 12.33
C PRO E 66 -2.36 -15.28 12.18
N VAL E 67 -3.25 -16.06 12.80
CA VAL E 67 -4.67 -15.76 12.77
C VAL E 67 -5.20 -15.84 14.20
N PRO E 68 -6.15 -15.01 14.59
CA PRO E 68 -6.73 -15.12 15.92
C PRO E 68 -7.63 -16.33 16.04
N ALA E 69 -7.89 -16.73 17.28
CA ALA E 69 -8.81 -17.83 17.53
C ALA E 69 -10.15 -17.54 16.85
N GLY E 70 -10.73 -18.59 16.27
CA GLY E 70 -12.01 -18.48 15.60
C GLY E 70 -11.99 -19.15 14.26
N ARG E 71 -13.07 -18.98 13.51
CA ARG E 71 -13.26 -19.63 12.23
C ARG E 71 -12.85 -18.69 11.10
N HIS E 72 -12.23 -19.25 10.06
CA HIS E 72 -11.73 -18.47 8.96
C HIS E 72 -11.94 -19.22 7.65
N MET E 73 -12.37 -18.49 6.62
CA MET E 73 -12.62 -19.05 5.30
C MET E 73 -11.75 -18.30 4.29
N PHE E 74 -11.09 -19.04 3.41
CA PHE E 74 -10.26 -18.42 2.39
C PHE E 74 -10.24 -19.29 1.15
N VAL E 75 -9.88 -18.69 0.01
CA VAL E 75 -9.84 -19.38 -1.27
C VAL E 75 -8.38 -19.65 -1.62
N PHE E 76 -8.10 -20.90 -1.99
CA PHE E 76 -6.76 -21.34 -2.37
C PHE E 76 -6.81 -21.76 -3.84
N GLN E 77 -6.13 -21.02 -4.70
CA GLN E 77 -6.02 -21.36 -6.10
C GLN E 77 -4.67 -22.01 -6.39
N ALA E 78 -4.63 -22.75 -7.48
CA ALA E 78 -3.38 -23.32 -7.98
C ALA E 78 -3.47 -23.47 -9.49
N ASP E 79 -2.38 -23.18 -10.18
CA ASP E 79 -2.34 -23.34 -11.62
C ASP E 79 -2.58 -24.79 -12.01
N ALA E 80 -3.14 -24.99 -13.20
CA ALA E 80 -3.41 -26.32 -13.68
C ALA E 80 -2.10 -27.10 -13.81
N PRO E 81 -2.17 -28.43 -13.80
CA PRO E 81 -0.94 -29.23 -13.92
C PRO E 81 -0.27 -29.00 -15.25
N ASN E 82 1.04 -29.24 -15.28
CA ASN E 82 1.81 -29.14 -16.51
C ASN E 82 1.56 -30.39 -17.36
N PRO E 83 0.98 -30.26 -18.56
CA PRO E 83 0.67 -31.48 -19.34
C PRO E 83 1.91 -32.28 -19.71
N GLY E 84 3.04 -31.63 -19.93
CA GLY E 84 4.25 -32.32 -20.34
C GLY E 84 4.83 -33.27 -19.31
N LEU E 85 4.40 -33.16 -18.05
CA LEU E 85 4.87 -34.04 -16.99
C LEU E 85 3.90 -35.18 -16.69
N ILE E 86 2.85 -35.32 -17.48
CA ILE E 86 1.80 -36.31 -17.23
C ILE E 86 1.98 -37.44 -18.23
N PRO E 87 2.28 -38.67 -17.79
CA PRO E 87 2.37 -39.78 -18.74
C PRO E 87 1.11 -39.90 -19.58
N ASP E 88 1.30 -40.24 -20.86
CA ASP E 88 0.17 -40.31 -21.79
C ASP E 88 -0.93 -41.22 -21.25
N ALA E 89 -0.56 -42.36 -20.67
CA ALA E 89 -1.55 -43.32 -20.20
C ALA E 89 -2.33 -42.81 -18.99
N ASP E 90 -1.82 -41.82 -18.29
CA ASP E 90 -2.50 -41.25 -17.13
C ASP E 90 -3.29 -39.99 -17.46
N ALA E 91 -3.26 -39.54 -18.71
CA ALA E 91 -3.97 -38.31 -19.07
C ALA E 91 -5.47 -38.48 -18.89
N VAL E 92 -6.02 -39.59 -19.38
CA VAL E 92 -7.44 -39.88 -19.28
C VAL E 92 -7.64 -40.95 -18.24
N GLY E 93 -8.65 -40.77 -17.39
CA GLY E 93 -8.98 -41.69 -16.33
C GLY E 93 -9.05 -40.97 -15.00
N VAL E 94 -8.99 -41.76 -13.93
CA VAL E 94 -9.09 -41.22 -12.58
C VAL E 94 -7.68 -40.92 -12.06
N THR E 95 -7.51 -39.73 -11.49
CA THR E 95 -6.26 -39.34 -10.85
C THR E 95 -6.60 -38.68 -9.52
N VAL E 96 -5.60 -38.14 -8.84
CA VAL E 96 -5.78 -37.57 -7.51
C VAL E 96 -5.14 -36.19 -7.44
N VAL E 97 -5.81 -35.28 -6.74
CA VAL E 97 -5.25 -33.99 -6.37
C VAL E 97 -5.37 -33.85 -4.85
N LEU E 98 -4.30 -33.38 -4.22
CA LEU E 98 -4.20 -33.35 -2.76
C LEU E 98 -4.17 -31.92 -2.25
N ILE E 99 -4.83 -31.68 -1.13
CA ILE E 99 -4.64 -30.49 -0.32
C ILE E 99 -3.97 -30.91 0.98
N THR E 100 -2.84 -30.28 1.30
CA THR E 100 -2.03 -30.62 2.44
C THR E 100 -1.82 -29.37 3.29
N CYS E 101 -1.69 -29.57 4.60
CA CYS E 101 -1.40 -28.46 5.50
C CYS E 101 -0.39 -28.93 6.54
N THR E 102 0.58 -28.06 6.84
CA THR E 102 1.64 -28.38 7.78
C THR E 102 1.84 -27.23 8.75
N TYR E 103 2.26 -27.58 9.97
CA TYR E 103 2.57 -26.61 11.02
C TYR E 103 3.96 -26.93 11.54
N ARG E 104 4.87 -25.96 11.44
CA ARG E 104 6.26 -26.15 11.85
C ARG E 104 6.88 -27.34 11.10
N GLY E 105 6.52 -27.50 9.84
CA GLY E 105 7.05 -28.55 9.00
C GLY E 105 6.40 -29.90 9.16
N GLN E 106 5.36 -30.02 9.98
CA GLN E 106 4.70 -31.29 10.26
C GLN E 106 3.34 -31.31 9.56
N GLU E 107 3.17 -32.23 8.63
CA GLU E 107 1.89 -32.39 7.95
C GLU E 107 0.87 -32.99 8.91
N PHE E 108 -0.24 -32.28 9.13
CA PHE E 108 -1.27 -32.73 10.05
C PHE E 108 -2.60 -33.07 9.38
N ILE E 109 -2.77 -32.78 8.09
CA ILE E 109 -3.98 -33.18 7.38
C ILE E 109 -3.66 -33.29 5.90
N ARG E 110 -4.32 -34.25 5.25
CA ARG E 110 -4.15 -34.52 3.82
C ARG E 110 -5.53 -34.81 3.25
N VAL E 111 -6.06 -33.87 2.47
CA VAL E 111 -7.38 -34.01 1.87
C VAL E 111 -7.18 -34.46 0.42
N GLY E 112 -7.59 -35.69 0.12
CA GLY E 112 -7.40 -36.26 -1.19
C GLY E 112 -8.66 -36.40 -2.01
N TYR E 113 -8.67 -35.79 -3.19
CA TYR E 113 -9.81 -35.84 -4.10
C TYR E 113 -9.47 -36.73 -5.29
N TYR E 114 -10.40 -37.61 -5.65
CA TYR E 114 -10.31 -38.29 -6.93
C TYR E 114 -10.75 -37.34 -8.04
N VAL E 115 -10.06 -37.40 -9.18
CA VAL E 115 -10.30 -36.50 -10.29
C VAL E 115 -10.47 -37.36 -11.54
N ASN E 116 -11.62 -37.23 -12.20
CA ASN E 116 -11.93 -37.99 -13.39
C ASN E 116 -11.73 -37.10 -14.61
N ASN E 117 -10.68 -37.38 -15.37
CA ASN E 117 -10.37 -36.62 -16.58
C ASN E 117 -10.90 -37.41 -17.79
N GLU E 118 -11.86 -36.81 -18.50
CA GLU E 118 -12.46 -37.44 -19.66
C GLU E 118 -12.72 -36.37 -20.71
N TYR E 119 -12.83 -36.80 -21.96
CA TYR E 119 -13.26 -35.91 -23.03
C TYR E 119 -14.77 -35.70 -22.95
N THR E 120 -15.23 -34.56 -23.46
CA THR E 120 -16.65 -34.30 -23.63
C THR E 120 -17.13 -34.59 -25.04
N GLU E 121 -16.26 -34.49 -26.04
CA GLU E 121 -16.62 -34.83 -27.41
C GLU E 121 -16.74 -36.34 -27.55
N THR E 122 -17.86 -36.80 -28.10
CA THR E 122 -18.17 -38.23 -28.07
C THR E 122 -17.13 -39.04 -28.86
N GLU E 123 -16.85 -38.65 -30.09
CA GLU E 123 -15.90 -39.39 -30.90
C GLU E 123 -14.55 -39.52 -30.19
N LEU E 124 -14.12 -38.45 -29.50
CA LEU E 124 -12.93 -38.54 -28.68
C LEU E 124 -13.13 -39.56 -27.56
N ARG E 125 -14.30 -39.56 -26.93
CA ARG E 125 -14.60 -40.55 -25.90
C ARG E 125 -14.62 -41.96 -26.48
N GLU E 126 -15.17 -42.11 -27.69
CA GLU E 126 -15.22 -43.42 -28.32
C GLU E 126 -13.83 -43.85 -28.81
N ASN E 127 -13.12 -42.94 -29.48
CA ASN E 127 -11.80 -43.22 -30.06
C ASN E 127 -10.81 -42.21 -29.51
N PRO E 128 -10.37 -42.37 -28.27
CA PRO E 128 -9.43 -41.42 -27.68
C PRO E 128 -8.11 -41.43 -28.44
N PRO E 129 -7.64 -40.29 -28.93
CA PRO E 129 -6.39 -40.28 -29.69
C PRO E 129 -5.22 -40.76 -28.85
N VAL E 130 -4.27 -41.41 -29.51
CA VAL E 130 -3.11 -41.97 -28.82
C VAL E 130 -2.38 -40.87 -28.05
N LYS E 131 -2.26 -39.68 -28.65
CA LYS E 131 -1.68 -38.54 -27.96
C LYS E 131 -2.81 -37.72 -27.34
N PRO E 132 -2.90 -37.63 -26.00
CA PRO E 132 -4.05 -36.95 -25.40
C PRO E 132 -4.09 -35.47 -25.75
N ASP E 133 -5.30 -34.99 -26.05
CA ASP E 133 -5.52 -33.57 -26.34
C ASP E 133 -6.03 -32.92 -25.05
N PHE E 134 -5.10 -32.38 -24.27
CA PHE E 134 -5.47 -31.77 -22.99
C PHE E 134 -6.35 -30.55 -23.17
N SER E 135 -6.34 -29.93 -24.35
CA SER E 135 -7.22 -28.79 -24.60
C SER E 135 -8.68 -29.19 -24.62
N LYS E 136 -8.97 -30.48 -24.78
CA LYS E 136 -10.34 -30.98 -24.86
C LYS E 136 -10.76 -31.78 -23.64
N LEU E 137 -9.86 -31.98 -22.67
CA LEU E 137 -10.18 -32.83 -21.52
C LEU E 137 -10.93 -32.04 -20.46
N GLN E 138 -11.94 -32.68 -19.88
CA GLN E 138 -12.74 -32.10 -18.81
C GLN E 138 -12.36 -32.73 -17.49
N ARG E 139 -12.27 -31.89 -16.46
CA ARG E 139 -11.84 -32.30 -15.13
C ARG E 139 -13.06 -32.35 -14.22
N ASN E 140 -13.36 -33.52 -13.67
CA ASN E 140 -14.47 -33.70 -12.74
C ASN E 140 -13.92 -34.21 -11.41
N ILE E 141 -13.77 -33.31 -10.45
CA ILE E 141 -13.35 -33.69 -9.11
C ILE E 141 -14.50 -34.39 -8.40
N LEU E 142 -14.20 -35.51 -7.74
CA LEU E 142 -15.19 -36.19 -6.90
C LEU E 142 -15.19 -35.45 -5.55
N ALA E 143 -15.91 -34.33 -5.54
CA ALA E 143 -15.80 -33.35 -4.47
C ALA E 143 -16.59 -33.70 -3.22
N SER E 144 -17.64 -34.52 -3.34
CA SER E 144 -18.55 -34.72 -2.22
C SER E 144 -17.89 -35.48 -1.08
N ASN E 145 -17.00 -36.42 -1.36
CA ASN E 145 -16.36 -37.22 -0.31
C ASN E 145 -14.90 -37.48 -0.68
N PRO E 146 -14.01 -36.59 -0.28
CA PRO E 146 -12.57 -36.87 -0.40
C PRO E 146 -12.11 -37.79 0.73
N ARG E 147 -10.90 -38.32 0.56
CA ARG E 147 -10.29 -39.17 1.58
C ARG E 147 -9.42 -38.29 2.46
N VAL E 148 -9.91 -37.99 3.66
CA VAL E 148 -9.24 -37.08 4.58
C VAL E 148 -8.40 -37.90 5.55
N THR E 149 -7.08 -37.72 5.48
CA THR E 149 -6.15 -38.35 6.40
C THR E 149 -5.59 -37.29 7.35
N ARG E 150 -5.67 -37.56 8.64
CA ARG E 150 -5.15 -36.67 9.65
C ARG E 150 -3.96 -37.32 10.35
N PHE E 151 -3.06 -36.46 10.86
CA PHE E 151 -1.90 -36.92 11.61
C PHE E 151 -1.76 -36.07 12.87
N HIS E 152 -1.29 -36.70 13.94
CA HIS E 152 -0.98 -35.99 15.17
C HIS E 152 0.44 -35.45 15.10
N ILE E 153 0.60 -34.17 15.40
CA ILE E 153 1.89 -33.49 15.31
C ILE E 153 2.18 -32.81 16.65
N ASN E 154 3.42 -32.34 16.78
CA ASN E 154 3.83 -31.59 17.96
C ASN E 154 3.37 -30.15 17.78
N TRP E 155 2.28 -29.79 18.45
CA TRP E 155 1.75 -28.43 18.33
C TRP E 155 2.47 -27.44 19.23
N GLU E 156 3.28 -27.92 20.18
CA GLU E 156 4.22 -27.08 20.92
C GLU E 156 5.01 -27.92 21.92
N ALA F 4 -35.18 -14.12 -1.85
CA ALA F 4 -33.93 -14.26 -2.60
C ALA F 4 -33.02 -15.27 -1.92
N LYS F 5 -32.81 -16.41 -2.56
CA LYS F 5 -32.02 -17.48 -1.96
C LYS F 5 -30.53 -17.18 -1.96
N VAL F 6 -30.06 -16.30 -2.85
CA VAL F 6 -28.65 -15.95 -2.94
C VAL F 6 -28.49 -14.45 -2.72
N GLN F 7 -27.38 -14.08 -2.09
CA GLN F 7 -27.12 -12.69 -1.75
C GLN F 7 -25.62 -12.45 -1.83
N VAL F 8 -25.20 -11.56 -2.72
CA VAL F 8 -23.79 -11.22 -2.88
C VAL F 8 -23.44 -10.14 -1.88
N ASN F 9 -22.40 -10.38 -1.09
CA ASN F 9 -22.06 -9.50 0.02
C ASN F 9 -20.76 -8.74 -0.14
N ASN F 10 -19.85 -9.19 -1.00
CA ASN F 10 -18.55 -8.56 -1.09
C ASN F 10 -17.86 -8.98 -2.39
N VAL F 11 -17.27 -7.99 -3.07
CA VAL F 11 -16.45 -8.22 -4.25
C VAL F 11 -15.11 -7.53 -4.03
N VAL F 12 -14.03 -8.30 -4.07
CA VAL F 12 -12.68 -7.76 -3.92
C VAL F 12 -11.97 -7.91 -5.25
N VAL F 13 -11.40 -6.82 -5.74
CA VAL F 13 -10.67 -6.81 -7.00
C VAL F 13 -9.21 -7.12 -6.69
N LEU F 14 -8.75 -8.31 -7.07
CA LEU F 14 -7.39 -8.75 -6.81
C LEU F 14 -6.45 -8.30 -7.91
N ASP F 15 -5.17 -8.21 -7.58
CA ASP F 15 -4.13 -7.92 -8.56
C ASP F 15 -4.54 -6.74 -9.44
N ASN F 16 -5.07 -5.70 -8.80
CA ASN F 16 -5.88 -4.72 -9.52
C ASN F 16 -5.02 -3.90 -10.49
N PRO F 17 -4.15 -3.00 -10.01
CA PRO F 17 -3.20 -2.38 -10.96
C PRO F 17 -2.32 -3.47 -11.53
N SER F 18 -2.47 -3.76 -12.82
CA SER F 18 -1.77 -4.91 -13.40
C SER F 18 -1.57 -4.65 -14.88
N PRO F 19 -0.65 -5.37 -15.51
CA PRO F 19 -0.57 -5.35 -16.97
C PRO F 19 -1.92 -5.67 -17.59
N PHE F 20 -2.21 -5.03 -18.73
CA PHE F 20 -3.43 -5.31 -19.48
C PHE F 20 -3.63 -6.82 -19.67
N TYR F 21 -2.55 -7.55 -19.93
CA TYR F 21 -2.66 -8.96 -20.29
C TYR F 21 -2.89 -9.87 -19.09
N ASN F 22 -2.81 -9.37 -17.86
CA ASN F 22 -3.10 -10.22 -16.72
C ASN F 22 -4.60 -10.54 -16.69
N PRO F 23 -4.98 -11.75 -16.28
CA PRO F 23 -6.41 -12.07 -16.19
C PRO F 23 -7.09 -11.25 -15.10
N PHE F 24 -8.39 -11.03 -15.27
CA PHE F 24 -9.21 -10.47 -14.22
C PHE F 24 -9.33 -11.47 -13.07
N GLN F 25 -9.39 -10.94 -11.85
CA GLN F 25 -9.57 -11.77 -10.66
C GLN F 25 -10.49 -11.04 -9.69
N PHE F 26 -11.68 -11.57 -9.49
CA PHE F 26 -12.65 -11.02 -8.54
C PHE F 26 -12.95 -12.08 -7.49
N GLU F 27 -12.64 -11.79 -6.23
CA GLU F 27 -12.96 -12.68 -5.12
C GLU F 27 -14.32 -12.28 -4.57
N ILE F 28 -15.29 -13.17 -4.70
CA ILE F 28 -16.70 -12.86 -4.44
C ILE F 28 -17.15 -13.65 -3.21
N THR F 29 -17.74 -12.95 -2.25
CA THR F 29 -18.36 -13.56 -1.08
C THR F 29 -19.87 -13.43 -1.21
N PHE F 30 -20.57 -14.56 -1.15
CA PHE F 30 -22.02 -14.57 -1.22
C PHE F 30 -22.56 -15.57 -0.20
N GLU F 31 -23.83 -15.38 0.17
CA GLU F 31 -24.51 -16.25 1.11
C GLU F 31 -25.70 -16.90 0.42
N CYS F 32 -25.78 -18.22 0.51
CA CYS F 32 -26.92 -18.99 0.02
C CYS F 32 -27.83 -19.27 1.20
N ILE F 33 -29.07 -18.78 1.13
CA ILE F 33 -29.98 -18.92 2.25
C ILE F 33 -30.58 -20.33 2.30
N GLU F 34 -30.83 -20.94 1.14
CA GLU F 34 -31.36 -22.28 1.08
C GLU F 34 -30.75 -22.98 -0.12
N ASP F 35 -30.43 -24.27 0.05
CA ASP F 35 -29.81 -25.06 -1.00
C ASP F 35 -30.43 -24.75 -2.35
N LEU F 36 -29.59 -24.61 -3.37
CA LEU F 36 -30.03 -24.31 -4.73
C LEU F 36 -30.05 -25.59 -5.54
N SER F 37 -31.20 -25.91 -6.13
CA SER F 37 -31.30 -27.10 -6.97
C SER F 37 -30.43 -26.95 -8.21
N GLU F 38 -30.44 -25.78 -8.83
CA GLU F 38 -29.71 -25.54 -10.08
C GLU F 38 -28.60 -24.53 -9.85
N ASP F 39 -27.70 -24.45 -10.81
CA ASP F 39 -26.45 -23.72 -10.65
C ASP F 39 -26.62 -22.23 -10.88
N LEU F 40 -25.72 -21.45 -10.28
CA LEU F 40 -25.55 -20.05 -10.59
C LEU F 40 -24.57 -19.91 -11.74
N GLU F 41 -24.86 -19.00 -12.67
CA GLU F 41 -23.96 -18.72 -13.78
C GLU F 41 -23.42 -17.30 -13.63
N TRP F 42 -22.11 -17.19 -13.48
CA TRP F 42 -21.43 -15.91 -13.40
C TRP F 42 -20.78 -15.58 -14.73
N LYS F 43 -20.82 -14.31 -15.11
CA LYS F 43 -20.21 -13.85 -16.34
C LYS F 43 -19.41 -12.59 -16.09
N ILE F 44 -18.27 -12.46 -16.76
CA ILE F 44 -17.49 -11.24 -16.80
C ILE F 44 -17.57 -10.71 -18.23
N ILE F 45 -18.03 -9.47 -18.38
CA ILE F 45 -18.22 -8.85 -19.69
C ILE F 45 -17.36 -7.61 -19.77
N TYR F 46 -16.45 -7.59 -20.73
CA TYR F 46 -15.58 -6.44 -20.98
C TYR F 46 -16.17 -5.62 -22.14
N VAL F 47 -16.39 -4.33 -21.90
CA VAL F 47 -16.92 -3.45 -22.92
C VAL F 47 -15.76 -2.97 -23.79
N GLY F 48 -15.49 -3.70 -24.88
CA GLY F 48 -14.41 -3.33 -25.77
C GLY F 48 -14.60 -1.97 -26.41
N SER F 49 -15.84 -1.56 -26.61
CA SER F 49 -16.14 -0.27 -27.21
C SER F 49 -17.41 0.31 -26.58
N ALA F 50 -17.30 1.54 -26.08
CA ALA F 50 -18.47 2.24 -25.55
C ALA F 50 -19.33 2.86 -26.64
N GLU F 51 -18.85 2.92 -27.88
CA GLU F 51 -19.64 3.42 -28.98
C GLU F 51 -20.50 2.33 -29.63
N SER F 52 -20.17 1.07 -29.43
CA SER F 52 -20.92 -0.02 -30.04
C SER F 52 -20.84 -1.25 -29.14
N GLU F 53 -22.00 -1.83 -28.81
CA GLU F 53 -22.05 -3.07 -28.05
C GLU F 53 -21.51 -4.25 -28.84
N GLU F 54 -21.32 -4.11 -30.16
CA GLU F 54 -20.77 -5.19 -30.96
C GLU F 54 -19.40 -5.63 -30.45
N TYR F 55 -18.69 -4.78 -29.71
CA TYR F 55 -17.35 -5.08 -29.24
C TYR F 55 -17.34 -5.44 -27.75
N ASP F 56 -18.48 -5.82 -27.19
CA ASP F 56 -18.50 -6.43 -25.87
C ASP F 56 -17.92 -7.84 -25.95
N GLN F 57 -17.08 -8.19 -24.97
CA GLN F 57 -16.45 -9.50 -24.91
C GLN F 57 -16.86 -10.18 -23.62
N VAL F 58 -17.46 -11.37 -23.73
CA VAL F 58 -17.70 -12.22 -22.58
C VAL F 58 -16.39 -12.95 -22.29
N LEU F 59 -15.71 -12.56 -21.21
CA LEU F 59 -14.39 -13.10 -20.94
C LEU F 59 -14.45 -14.49 -20.32
N ASP F 60 -15.51 -14.81 -19.58
CA ASP F 60 -15.64 -16.14 -19.01
C ASP F 60 -17.05 -16.33 -18.47
N SER F 61 -17.55 -17.55 -18.60
CA SER F 61 -18.79 -17.99 -17.98
C SER F 61 -18.47 -19.15 -17.04
N VAL F 62 -19.05 -19.14 -15.84
CA VAL F 62 -18.75 -20.14 -14.84
C VAL F 62 -20.04 -20.55 -14.14
N LEU F 63 -20.36 -21.84 -14.19
CA LEU F 63 -21.43 -22.41 -13.38
C LEU F 63 -20.89 -22.78 -12.01
N VAL F 64 -21.69 -22.54 -10.98
CA VAL F 64 -21.28 -22.87 -9.62
C VAL F 64 -22.08 -24.07 -9.13
N GLY F 65 -22.37 -24.99 -10.04
CA GLY F 65 -22.91 -26.30 -9.70
C GLY F 65 -23.96 -26.24 -8.60
N PRO F 66 -24.00 -27.27 -7.75
CA PRO F 66 -24.86 -27.21 -6.57
C PRO F 66 -24.18 -26.49 -5.42
N VAL F 67 -24.81 -25.46 -4.86
CA VAL F 67 -24.25 -24.69 -3.76
C VAL F 67 -25.02 -25.05 -2.49
N PRO F 68 -24.37 -25.60 -1.46
CA PRO F 68 -25.06 -25.79 -0.19
C PRO F 68 -25.38 -24.46 0.46
N ALA F 69 -26.41 -24.45 1.28
CA ALA F 69 -26.79 -23.23 1.99
C ALA F 69 -25.67 -22.80 2.93
N GLY F 70 -25.38 -21.51 2.95
CA GLY F 70 -24.40 -20.94 3.83
C GLY F 70 -23.56 -19.89 3.13
N ARG F 71 -22.45 -19.53 3.77
CA ARG F 71 -21.54 -18.53 3.25
C ARG F 71 -20.53 -19.19 2.30
N HIS F 72 -20.25 -18.51 1.19
CA HIS F 72 -19.37 -19.06 0.17
C HIS F 72 -18.47 -17.97 -0.39
N MET F 73 -17.25 -18.38 -0.73
CA MET F 73 -16.27 -17.51 -1.37
C MET F 73 -15.70 -18.21 -2.60
N PHE F 74 -15.46 -17.45 -3.66
CA PHE F 74 -14.78 -18.03 -4.81
C PHE F 74 -14.19 -16.89 -5.65
N VAL F 75 -13.06 -17.20 -6.27
CA VAL F 75 -12.33 -16.23 -7.09
C VAL F 75 -12.77 -16.45 -8.53
N PHE F 76 -13.43 -15.45 -9.11
CA PHE F 76 -13.83 -15.50 -10.51
C PHE F 76 -12.68 -14.95 -11.34
N GLN F 77 -12.04 -15.81 -12.11
CA GLN F 77 -10.86 -15.45 -12.89
C GLN F 77 -11.18 -15.62 -14.37
N ALA F 78 -10.78 -14.63 -15.17
CA ALA F 78 -11.06 -14.65 -16.60
C ALA F 78 -9.90 -13.99 -17.34
N ASP F 79 -9.55 -14.55 -18.49
CA ASP F 79 -8.43 -14.05 -19.27
C ASP F 79 -8.75 -12.67 -19.83
N ALA F 80 -7.68 -11.89 -20.07
CA ALA F 80 -7.85 -10.53 -20.54
C ALA F 80 -8.57 -10.51 -21.88
N PRO F 81 -9.23 -9.39 -22.21
CA PRO F 81 -9.92 -9.31 -23.50
C PRO F 81 -8.95 -9.43 -24.67
N ASN F 82 -9.47 -9.88 -25.80
CA ASN F 82 -8.67 -10.04 -27.00
C ASN F 82 -8.43 -8.68 -27.65
N PRO F 83 -7.19 -8.21 -27.75
CA PRO F 83 -6.95 -6.89 -28.36
C PRO F 83 -7.31 -6.83 -29.83
N GLY F 84 -7.37 -7.96 -30.54
CA GLY F 84 -7.77 -7.96 -31.94
C GLY F 84 -9.21 -7.58 -32.17
N LEU F 85 -10.03 -7.56 -31.12
CA LEU F 85 -11.43 -7.13 -31.22
C LEU F 85 -11.66 -5.73 -30.67
N ILE F 86 -10.63 -5.09 -30.12
CA ILE F 86 -10.75 -3.78 -29.51
C ILE F 86 -10.38 -2.73 -30.55
N PRO F 87 -11.30 -1.84 -30.94
CA PRO F 87 -10.91 -0.76 -31.85
C PRO F 87 -9.78 0.07 -31.27
N ASP F 88 -8.84 0.45 -32.13
CA ASP F 88 -7.64 1.15 -31.65
C ASP F 88 -7.99 2.36 -30.81
N ALA F 89 -9.04 3.10 -31.20
CA ALA F 89 -9.36 4.36 -30.53
C ALA F 89 -9.89 4.16 -29.12
N ASP F 90 -10.34 2.96 -28.77
CA ASP F 90 -10.89 2.67 -27.46
C ASP F 90 -9.91 1.95 -26.53
N ALA F 91 -8.67 1.71 -26.98
CA ALA F 91 -7.74 0.94 -26.17
C ALA F 91 -7.23 1.74 -24.98
N VAL F 92 -6.77 2.96 -25.23
CA VAL F 92 -6.23 3.83 -24.18
C VAL F 92 -7.36 4.73 -23.68
N GLY F 93 -7.66 4.65 -22.38
CA GLY F 93 -8.71 5.41 -21.78
C GLY F 93 -9.55 4.55 -20.88
N VAL F 94 -10.80 4.98 -20.65
CA VAL F 94 -11.69 4.34 -19.70
C VAL F 94 -12.66 3.45 -20.45
N THR F 95 -12.83 2.22 -19.96
CA THR F 95 -13.86 1.31 -20.44
C THR F 95 -14.59 0.73 -19.23
N VAL F 96 -15.41 -0.29 -19.44
CA VAL F 96 -16.21 -0.88 -18.36
C VAL F 96 -16.02 -2.39 -18.37
N VAL F 97 -15.90 -2.98 -17.18
CA VAL F 97 -15.98 -4.42 -16.99
C VAL F 97 -17.19 -4.68 -16.09
N LEU F 98 -17.93 -5.75 -16.42
CA LEU F 98 -19.15 -6.09 -15.71
C LEU F 98 -19.07 -7.49 -15.15
N ILE F 99 -19.65 -7.69 -13.98
CA ILE F 99 -19.83 -9.01 -13.39
C ILE F 99 -21.32 -9.21 -13.17
N THR F 100 -21.87 -10.27 -13.75
CA THR F 100 -23.28 -10.59 -13.62
C THR F 100 -23.45 -12.00 -13.10
N CYS F 101 -24.58 -12.24 -12.42
CA CYS F 101 -24.94 -13.57 -11.96
C CYS F 101 -26.41 -13.81 -12.28
N THR F 102 -26.72 -15.02 -12.74
CA THR F 102 -28.06 -15.39 -13.15
C THR F 102 -28.43 -16.72 -12.50
N TYR F 103 -29.72 -16.90 -12.27
CA TYR F 103 -30.23 -18.13 -11.68
C TYR F 103 -31.32 -18.68 -12.59
N ARG F 104 -31.10 -19.89 -13.11
CA ARG F 104 -32.03 -20.50 -14.08
C ARG F 104 -32.36 -19.54 -15.22
N GLY F 105 -31.42 -18.66 -15.56
CA GLY F 105 -31.56 -17.76 -16.69
C GLY F 105 -31.88 -16.33 -16.33
N GLN F 106 -32.29 -16.06 -15.09
CA GLN F 106 -32.74 -14.74 -14.68
C GLN F 106 -31.59 -14.01 -13.97
N GLU F 107 -31.15 -12.89 -14.55
CA GLU F 107 -30.10 -12.10 -13.94
C GLU F 107 -30.63 -11.36 -12.73
N PHE F 108 -29.93 -11.49 -11.60
CA PHE F 108 -30.36 -10.87 -10.35
C PHE F 108 -29.34 -9.92 -9.76
N ILE F 109 -28.17 -9.76 -10.37
CA ILE F 109 -27.18 -8.81 -9.87
C ILE F 109 -26.19 -8.49 -10.98
N ARG F 110 -25.79 -7.22 -11.05
CA ARG F 110 -24.77 -6.76 -11.98
C ARG F 110 -23.87 -5.79 -11.24
N VAL F 111 -22.57 -6.08 -11.23
CA VAL F 111 -21.57 -5.22 -10.60
C VAL F 111 -20.71 -4.62 -11.69
N GLY F 112 -20.62 -3.30 -11.70
CA GLY F 112 -19.90 -2.57 -12.75
C GLY F 112 -18.71 -1.83 -12.18
N TYR F 113 -17.59 -1.88 -12.90
CA TYR F 113 -16.40 -1.13 -12.56
C TYR F 113 -15.95 -0.34 -13.78
N TYR F 114 -15.53 0.90 -13.55
CA TYR F 114 -14.77 1.61 -14.56
C TYR F 114 -13.35 1.06 -14.59
N VAL F 115 -12.78 1.02 -15.79
CA VAL F 115 -11.45 0.44 -16.00
C VAL F 115 -10.65 1.44 -16.82
N ASN F 116 -9.54 1.91 -16.26
CA ASN F 116 -8.67 2.88 -16.93
C ASN F 116 -7.42 2.16 -17.43
N ASN F 117 -7.22 2.18 -18.75
CA ASN F 117 -6.04 1.59 -19.37
C ASN F 117 -5.13 2.73 -19.82
N GLU F 118 -3.90 2.73 -19.33
CA GLU F 118 -2.96 3.80 -19.61
C GLU F 118 -1.56 3.26 -19.63
N TYR F 119 -0.67 3.99 -20.28
CA TYR F 119 0.75 3.69 -20.19
C TYR F 119 1.30 4.23 -18.88
N THR F 120 2.43 3.66 -18.45
CA THR F 120 3.12 4.13 -17.25
C THR F 120 4.45 4.80 -17.55
N GLU F 121 5.06 4.53 -18.71
CA GLU F 121 6.29 5.20 -19.10
C GLU F 121 5.98 6.60 -19.60
N THR F 122 6.74 7.59 -19.12
CA THR F 122 6.54 8.96 -19.54
C THR F 122 6.63 9.11 -21.05
N GLU F 123 7.58 8.41 -21.68
CA GLU F 123 7.73 8.50 -23.13
C GLU F 123 6.43 8.14 -23.84
N LEU F 124 5.76 7.08 -23.38
CA LEU F 124 4.55 6.62 -24.05
C LEU F 124 3.34 7.47 -23.66
N ARG F 125 3.27 7.92 -22.41
CA ARG F 125 2.17 8.80 -22.01
C ARG F 125 2.18 10.09 -22.84
N GLU F 126 3.36 10.57 -23.20
CA GLU F 126 3.47 11.81 -23.96
C GLU F 126 3.43 11.59 -25.47
N ASN F 127 3.81 10.42 -25.95
CA ASN F 127 3.77 10.10 -27.38
C ASN F 127 3.24 8.69 -27.54
N PRO F 128 1.95 8.49 -27.28
CA PRO F 128 1.38 7.15 -27.44
C PRO F 128 1.50 6.69 -28.88
N PRO F 129 1.90 5.44 -29.11
CA PRO F 129 2.05 4.97 -30.49
C PRO F 129 0.72 4.93 -31.22
N VAL F 130 0.78 5.07 -32.54
CA VAL F 130 -0.43 5.03 -33.36
C VAL F 130 -1.19 3.73 -33.11
N LYS F 131 -0.47 2.61 -33.11
CA LYS F 131 -1.07 1.33 -32.76
C LYS F 131 -0.87 1.08 -31.27
N PRO F 132 -1.94 0.97 -30.48
CA PRO F 132 -1.76 0.76 -29.04
C PRO F 132 -0.89 -0.45 -28.76
N ASP F 133 0.01 -0.29 -27.79
CA ASP F 133 0.93 -1.36 -27.39
C ASP F 133 0.39 -1.97 -26.10
N PHE F 134 -0.42 -3.01 -26.24
CA PHE F 134 -1.06 -3.62 -25.08
C PHE F 134 -0.05 -4.24 -24.12
N SER F 135 1.15 -4.58 -24.58
CA SER F 135 2.17 -5.11 -23.70
C SER F 135 2.75 -4.05 -22.77
N LYS F 136 2.47 -2.78 -23.02
CA LYS F 136 2.92 -1.69 -22.16
C LYS F 136 1.76 -1.00 -21.44
N LEU F 137 0.52 -1.44 -21.68
CA LEU F 137 -0.64 -0.82 -21.05
C LEU F 137 -0.87 -1.40 -19.66
N GLN F 138 -1.17 -0.53 -18.70
CA GLN F 138 -1.55 -0.94 -17.36
C GLN F 138 -3.07 -0.84 -17.22
N ARG F 139 -3.69 -1.93 -16.75
CA ARG F 139 -5.11 -1.92 -16.42
C ARG F 139 -5.28 -1.53 -14.96
N ASN F 140 -6.02 -0.46 -14.71
CA ASN F 140 -6.39 -0.05 -13.36
C ASN F 140 -7.90 -0.09 -13.23
N ILE F 141 -8.42 -1.11 -12.56
CA ILE F 141 -9.84 -1.20 -12.27
C ILE F 141 -10.15 -0.24 -11.13
N LEU F 142 -11.13 0.64 -11.34
CA LEU F 142 -11.51 1.63 -10.34
C LEU F 142 -12.35 0.94 -9.28
N ALA F 143 -11.67 0.17 -8.43
CA ALA F 143 -12.32 -0.70 -7.47
C ALA F 143 -13.01 0.05 -6.33
N SER F 144 -12.77 1.35 -6.18
CA SER F 144 -13.38 2.10 -5.09
C SER F 144 -14.79 2.58 -5.41
N ASN F 145 -15.18 2.59 -6.68
CA ASN F 145 -16.49 3.10 -7.09
C ASN F 145 -17.21 2.05 -7.93
N PRO F 146 -17.62 0.94 -7.31
CA PRO F 146 -18.42 -0.04 -8.02
C PRO F 146 -19.87 0.42 -8.18
N ARG F 147 -20.48 -0.01 -9.28
CA ARG F 147 -21.90 0.21 -9.53
C ARG F 147 -22.60 -1.14 -9.38
N VAL F 148 -23.42 -1.25 -8.34
CA VAL F 148 -24.10 -2.50 -8.01
C VAL F 148 -25.58 -2.32 -8.27
N THR F 149 -26.14 -3.15 -9.14
CA THR F 149 -27.56 -3.11 -9.49
C THR F 149 -28.14 -4.50 -9.29
N ARG F 150 -29.17 -4.60 -8.46
CA ARG F 150 -29.83 -5.87 -8.17
C ARG F 150 -31.23 -5.88 -8.79
N PHE F 151 -31.65 -7.07 -9.22
CA PHE F 151 -32.93 -7.26 -9.89
C PHE F 151 -33.75 -8.29 -9.13
N HIS F 152 -35.06 -8.05 -9.05
CA HIS F 152 -35.98 -9.04 -8.51
C HIS F 152 -36.23 -10.12 -9.55
N ILE F 153 -36.00 -11.37 -9.18
CA ILE F 153 -36.19 -12.50 -10.07
C ILE F 153 -37.08 -13.52 -9.38
N ASN F 154 -37.27 -14.66 -10.04
CA ASN F 154 -38.01 -15.79 -9.49
C ASN F 154 -37.02 -16.88 -9.12
N TRP F 155 -37.07 -17.34 -7.87
CA TRP F 155 -36.17 -18.36 -7.36
C TRP F 155 -36.82 -19.73 -7.29
N GLU F 156 -37.92 -19.93 -8.01
CA GLU F 156 -38.61 -21.21 -8.05
C GLU F 156 -39.19 -21.47 -9.43
N ALA G 4 -29.54 -3.64 59.65
CA ALA G 4 -28.99 -3.32 58.34
C ALA G 4 -29.10 -1.82 58.07
N LYS G 5 -27.99 -1.10 58.27
CA LYS G 5 -28.00 0.35 58.11
C LYS G 5 -28.06 0.79 56.66
N VAL G 6 -27.73 -0.10 55.72
CA VAL G 6 -27.85 0.18 54.29
C VAL G 6 -28.81 -0.83 53.69
N GLN G 7 -29.76 -0.35 52.89
CA GLN G 7 -30.76 -1.21 52.27
C GLN G 7 -30.90 -0.81 50.81
N VAL G 8 -30.68 -1.75 49.91
CA VAL G 8 -30.82 -1.50 48.47
C VAL G 8 -32.30 -1.59 48.12
N ASN G 9 -32.83 -0.53 47.49
CA ASN G 9 -34.23 -0.46 47.16
C ASN G 9 -34.53 -0.99 45.76
N ASN G 10 -33.64 -0.74 44.80
CA ASN G 10 -33.89 -1.17 43.43
C ASN G 10 -32.59 -1.16 42.65
N VAL G 11 -32.53 -2.01 41.63
CA VAL G 11 -31.47 -2.00 40.63
C VAL G 11 -32.13 -2.02 39.26
N VAL G 12 -31.77 -1.06 38.42
CA VAL G 12 -32.28 -0.95 37.05
C VAL G 12 -31.15 -1.29 36.10
N VAL G 13 -31.40 -2.23 35.19
CA VAL G 13 -30.41 -2.62 34.19
C VAL G 13 -30.60 -1.73 32.98
N LEU G 14 -29.56 -0.99 32.62
CA LEU G 14 -29.61 -0.06 31.49
C LEU G 14 -28.92 -0.68 30.28
N ASP G 15 -29.28 -0.17 29.10
CA ASP G 15 -28.77 -0.71 27.85
C ASP G 15 -28.90 -2.22 27.85
N ASN G 16 -30.13 -2.69 28.13
CA ASN G 16 -30.33 -4.07 28.55
C ASN G 16 -29.85 -5.08 27.49
N PRO G 17 -30.47 -5.17 26.31
CA PRO G 17 -29.88 -6.02 25.28
C PRO G 17 -28.82 -5.20 24.52
N SER G 18 -27.60 -5.72 24.50
CA SER G 18 -26.49 -4.98 23.90
C SER G 18 -25.48 -5.98 23.35
N PRO G 19 -24.58 -5.55 22.48
CA PRO G 19 -23.46 -6.40 22.12
C PRO G 19 -22.67 -6.80 23.36
N PHE G 20 -21.99 -7.94 23.25
CA PHE G 20 -21.21 -8.46 24.37
C PHE G 20 -20.15 -7.47 24.82
N TYR G 21 -19.49 -6.80 23.87
CA TYR G 21 -18.36 -5.93 24.20
C TYR G 21 -18.78 -4.61 24.85
N ASN G 22 -20.08 -4.39 25.07
CA ASN G 22 -20.51 -3.15 25.71
C ASN G 22 -20.34 -3.27 27.23
N PRO G 23 -20.03 -2.16 27.90
CA PRO G 23 -19.96 -2.19 29.37
C PRO G 23 -21.32 -2.40 30.00
N PHE G 24 -21.30 -2.91 31.23
CA PHE G 24 -22.50 -3.04 32.03
C PHE G 24 -22.89 -1.67 32.60
N GLN G 25 -24.18 -1.52 32.89
CA GLN G 25 -24.70 -0.29 33.51
C GLN G 25 -25.84 -0.66 34.44
N PHE G 26 -25.69 -0.30 35.72
CA PHE G 26 -26.71 -0.55 36.74
C PHE G 26 -26.99 0.74 37.48
N GLU G 27 -28.25 1.18 37.44
CA GLU G 27 -28.70 2.33 38.23
C GLU G 27 -29.19 1.79 39.57
N ILE G 28 -28.41 2.03 40.62
CA ILE G 28 -28.65 1.45 41.93
C ILE G 28 -29.21 2.52 42.85
N THR G 29 -30.33 2.20 43.50
CA THR G 29 -30.97 3.08 44.48
C THR G 29 -30.91 2.39 45.84
N PHE G 30 -30.36 3.09 46.83
CA PHE G 30 -30.25 2.51 48.17
C PHE G 30 -30.42 3.62 49.20
N GLU G 31 -30.77 3.20 50.42
CA GLU G 31 -30.96 4.09 51.55
C GLU G 31 -29.91 3.82 52.61
N CYS G 32 -29.52 4.88 53.33
CA CYS G 32 -28.55 4.80 54.41
C CYS G 32 -29.18 5.39 55.66
N ILE G 33 -29.24 4.59 56.73
CA ILE G 33 -29.97 5.02 57.92
C ILE G 33 -29.17 6.02 58.73
N GLU G 34 -27.85 5.86 58.80
CA GLU G 34 -27.01 6.80 59.51
C GLU G 34 -25.67 6.92 58.79
N ASP G 35 -25.03 8.08 58.92
CA ASP G 35 -23.72 8.29 58.33
C ASP G 35 -22.79 7.14 58.69
N LEU G 36 -22.30 6.44 57.67
CA LEU G 36 -21.33 5.36 57.87
C LEU G 36 -19.93 5.96 57.79
N SER G 37 -19.16 5.79 58.87
CA SER G 37 -17.80 6.34 58.90
C SER G 37 -16.90 5.66 57.88
N GLU G 38 -17.14 4.38 57.59
CA GLU G 38 -16.32 3.63 56.65
C GLU G 38 -16.98 3.63 55.27
N ASP G 39 -16.21 3.18 54.29
CA ASP G 39 -16.62 3.22 52.89
C ASP G 39 -17.43 1.98 52.53
N LEU G 40 -18.20 2.10 51.46
CA LEU G 40 -18.92 0.98 50.86
C LEU G 40 -18.17 0.53 49.61
N GLU G 41 -17.97 -0.78 49.48
CA GLU G 41 -17.21 -1.35 48.36
C GLU G 41 -18.19 -2.13 47.49
N TRP G 42 -18.63 -1.50 46.40
CA TRP G 42 -19.47 -2.17 45.41
C TRP G 42 -18.60 -2.90 44.40
N LYS G 43 -19.10 -4.04 43.93
CA LYS G 43 -18.40 -4.85 42.95
C LYS G 43 -19.38 -5.38 41.91
N ILE G 44 -18.90 -5.50 40.68
CA ILE G 44 -19.58 -6.23 39.62
C ILE G 44 -18.69 -7.40 39.22
N ILE G 45 -19.24 -8.61 39.22
CA ILE G 45 -18.46 -9.82 39.02
C ILE G 45 -19.15 -10.67 37.96
N TYR G 46 -18.40 -10.97 36.89
CA TYR G 46 -18.90 -11.82 35.81
C TYR G 46 -18.48 -13.26 36.06
N VAL G 47 -19.46 -14.17 36.05
CA VAL G 47 -19.21 -15.59 36.26
C VAL G 47 -18.84 -16.19 34.90
N GLY G 48 -17.55 -16.37 34.65
CA GLY G 48 -17.10 -16.91 33.38
C GLY G 48 -17.56 -18.32 33.13
N SER G 49 -17.64 -19.14 34.18
CA SER G 49 -18.05 -20.53 34.05
C SER G 49 -18.85 -20.93 35.28
N ALA G 50 -19.92 -21.71 35.06
CA ALA G 50 -20.74 -22.19 36.15
C ALA G 50 -20.12 -23.39 36.85
N GLU G 51 -19.17 -24.09 36.22
CA GLU G 51 -18.55 -25.23 36.86
C GLU G 51 -17.46 -24.85 37.84
N SER G 52 -16.93 -23.62 37.77
CA SER G 52 -15.86 -23.23 38.66
C SER G 52 -15.89 -21.73 38.92
N GLU G 53 -15.71 -21.36 40.19
CA GLU G 53 -15.65 -19.97 40.61
C GLU G 53 -14.32 -19.32 40.29
N GLU G 54 -13.29 -20.10 39.93
CA GLU G 54 -11.99 -19.52 39.59
C GLU G 54 -12.02 -18.75 38.27
N TYR G 55 -13.08 -18.90 37.48
CA TYR G 55 -13.25 -18.15 36.24
C TYR G 55 -14.05 -16.87 36.44
N ASP G 56 -14.39 -16.51 37.68
CA ASP G 56 -15.04 -15.23 37.93
C ASP G 56 -14.11 -14.09 37.52
N GLN G 57 -14.72 -13.01 37.05
CA GLN G 57 -13.99 -11.82 36.60
C GLN G 57 -14.57 -10.61 37.31
N VAL G 58 -13.81 -10.03 38.24
CA VAL G 58 -14.20 -8.78 38.87
C VAL G 58 -14.11 -7.67 37.82
N LEU G 59 -15.25 -7.27 37.26
CA LEU G 59 -15.23 -6.29 36.19
C LEU G 59 -14.89 -4.90 36.69
N ASP G 60 -15.31 -4.56 37.91
CA ASP G 60 -14.98 -3.25 38.46
C ASP G 60 -15.24 -3.25 39.96
N SER G 61 -14.52 -2.39 40.66
CA SER G 61 -14.65 -2.23 42.11
C SER G 61 -14.63 -0.75 42.43
N VAL G 62 -15.58 -0.30 43.25
CA VAL G 62 -15.72 1.12 43.60
C VAL G 62 -15.90 1.22 45.11
N LEU G 63 -15.43 2.35 45.67
CA LEU G 63 -15.36 2.55 47.11
C LEU G 63 -15.79 3.98 47.41
N VAL G 64 -16.87 4.14 48.18
CA VAL G 64 -17.42 5.45 48.50
C VAL G 64 -17.13 5.72 49.96
N GLY G 65 -16.27 6.71 50.22
CA GLY G 65 -15.80 6.99 51.57
C GLY G 65 -16.82 7.64 52.48
N PRO G 66 -17.47 8.72 52.03
CA PRO G 66 -18.38 9.45 52.92
C PRO G 66 -19.55 8.63 53.44
N VAL G 67 -20.39 8.13 52.53
CA VAL G 67 -21.60 7.39 52.88
C VAL G 67 -22.48 8.20 53.82
N PRO G 68 -22.98 9.36 53.41
CA PRO G 68 -23.92 10.09 54.26
C PRO G 68 -25.30 9.42 54.29
N ALA G 69 -26.04 9.69 55.37
CA ALA G 69 -27.34 9.09 55.57
C ALA G 69 -28.38 9.72 54.64
N GLY G 70 -29.44 8.96 54.35
CA GLY G 70 -30.51 9.42 53.49
C GLY G 70 -30.64 8.58 52.23
N ARG G 71 -31.32 9.12 51.23
CA ARG G 71 -31.52 8.41 49.97
C ARG G 71 -30.32 8.60 49.05
N HIS G 72 -29.97 7.53 48.33
CA HIS G 72 -28.85 7.56 47.41
C HIS G 72 -29.22 6.92 46.08
N MET G 73 -28.63 7.43 45.01
CA MET G 73 -28.68 6.80 43.70
C MET G 73 -27.33 6.98 43.04
N PHE G 74 -26.85 5.93 42.38
CA PHE G 74 -25.62 6.03 41.63
C PHE G 74 -25.66 5.03 40.49
N VAL G 75 -24.86 5.29 39.46
CA VAL G 75 -24.80 4.46 38.26
C VAL G 75 -23.47 3.73 38.26
N PHE G 76 -23.53 2.40 38.25
CA PHE G 76 -22.35 1.55 38.31
C PHE G 76 -22.09 1.02 36.91
N GLN G 77 -20.96 1.43 36.31
CA GLN G 77 -20.60 1.02 34.97
C GLN G 77 -19.29 0.23 35.02
N ALA G 78 -19.20 -0.83 34.20
CA ALA G 78 -18.05 -1.71 34.22
C ALA G 78 -17.76 -2.24 32.82
N ASP G 79 -16.48 -2.29 32.48
CA ASP G 79 -16.08 -2.84 31.19
C ASP G 79 -16.53 -4.29 31.06
N ALA G 80 -16.78 -4.71 29.82
CA ALA G 80 -17.19 -6.08 29.56
C ALA G 80 -16.09 -7.04 29.99
N PRO G 81 -16.43 -8.30 30.24
CA PRO G 81 -15.41 -9.28 30.65
C PRO G 81 -14.44 -9.59 29.52
N ASN G 82 -13.29 -10.16 29.92
CA ASN G 82 -12.25 -10.55 28.98
C ASN G 82 -12.60 -11.88 28.32
N PRO G 83 -12.89 -11.91 27.02
CA PRO G 83 -13.27 -13.19 26.39
C PRO G 83 -12.19 -14.25 26.48
N GLY G 84 -10.93 -13.87 26.65
CA GLY G 84 -9.86 -14.86 26.75
C GLY G 84 -9.94 -15.74 27.96
N LEU G 85 -10.66 -15.30 29.00
CA LEU G 85 -10.76 -16.03 30.25
C LEU G 85 -12.07 -16.80 30.38
N ILE G 86 -12.89 -16.83 29.33
CA ILE G 86 -14.18 -17.51 29.34
C ILE G 86 -14.03 -18.83 28.58
N PRO G 87 -14.39 -19.96 29.18
CA PRO G 87 -14.34 -21.22 28.43
C PRO G 87 -15.28 -21.20 27.24
N ASP G 88 -14.85 -21.85 26.15
CA ASP G 88 -15.66 -21.87 24.93
C ASP G 88 -17.05 -22.41 25.18
N ALA G 89 -17.16 -23.47 25.98
CA ALA G 89 -18.47 -24.10 26.20
C ALA G 89 -19.40 -23.21 27.01
N ASP G 90 -18.86 -22.36 27.88
CA ASP G 90 -19.67 -21.51 28.75
C ASP G 90 -19.96 -20.15 28.15
N ALA G 91 -19.20 -19.73 27.13
CA ALA G 91 -19.36 -18.38 26.60
C ALA G 91 -20.77 -18.15 26.07
N VAL G 92 -21.24 -19.03 25.20
CA VAL G 92 -22.55 -18.87 24.57
C VAL G 92 -23.57 -19.62 25.41
N GLY G 93 -24.69 -18.96 25.70
CA GLY G 93 -25.68 -19.52 26.60
C GLY G 93 -25.89 -18.65 27.81
N VAL G 94 -26.36 -19.23 28.92
CA VAL G 94 -26.72 -18.48 30.11
C VAL G 94 -25.58 -18.53 31.11
N THR G 95 -25.24 -17.38 31.67
CA THR G 95 -24.29 -17.27 32.77
C THR G 95 -24.85 -16.26 33.75
N VAL G 96 -24.07 -15.91 34.78
CA VAL G 96 -24.54 -15.03 35.84
C VAL G 96 -23.61 -13.83 35.95
N VAL G 97 -24.19 -12.66 36.21
CA VAL G 97 -23.46 -11.47 36.63
C VAL G 97 -23.98 -11.06 38.00
N LEU G 98 -23.06 -10.63 38.87
CA LEU G 98 -23.39 -10.32 40.25
C LEU G 98 -23.07 -8.87 40.55
N ILE G 99 -23.89 -8.27 41.41
CA ILE G 99 -23.58 -7.01 42.08
C ILE G 99 -23.51 -7.30 43.57
N THR G 100 -22.40 -6.90 44.19
CA THR G 100 -22.21 -7.11 45.61
C THR G 100 -21.77 -5.81 46.27
N CYS G 101 -22.08 -5.69 47.55
CA CYS G 101 -21.65 -4.55 48.35
C CYS G 101 -21.16 -5.07 49.70
N THR G 102 -20.05 -4.52 50.17
CA THR G 102 -19.46 -4.94 51.43
C THR G 102 -19.16 -3.72 52.29
N TYR G 103 -19.39 -3.85 53.59
CA TYR G 103 -19.11 -2.81 54.56
C TYR G 103 -18.20 -3.37 55.64
N ARG G 104 -17.21 -2.58 56.06
CA ARG G 104 -16.20 -3.05 57.00
C ARG G 104 -15.61 -4.40 56.55
N GLY G 105 -15.57 -4.62 55.25
CA GLY G 105 -15.08 -5.86 54.69
C GLY G 105 -16.04 -7.02 54.73
N GLN G 106 -17.33 -6.77 54.97
CA GLN G 106 -18.32 -7.82 55.11
C GLN G 106 -19.39 -7.66 54.04
N GLU G 107 -19.49 -8.64 53.14
CA GLU G 107 -20.53 -8.64 52.13
C GLU G 107 -21.90 -8.76 52.79
N PHE G 108 -22.77 -7.77 52.56
CA PHE G 108 -24.10 -7.76 53.15
C PHE G 108 -25.21 -7.87 52.12
N ILE G 109 -24.88 -7.97 50.83
CA ILE G 109 -25.91 -8.13 49.80
C ILE G 109 -25.25 -8.66 48.54
N ARG G 110 -25.97 -9.55 47.86
CA ARG G 110 -25.57 -10.08 46.56
C ARG G 110 -26.79 -10.04 45.65
N VAL G 111 -26.66 -9.40 44.50
CA VAL G 111 -27.73 -9.32 43.52
C VAL G 111 -27.25 -10.02 42.27
N GLY G 112 -27.82 -11.19 41.98
CA GLY G 112 -27.43 -11.99 40.84
C GLY G 112 -28.45 -11.89 39.71
N TYR G 113 -27.95 -11.70 38.50
CA TYR G 113 -28.76 -11.68 37.29
C TYR G 113 -28.32 -12.81 36.37
N TYR G 114 -29.28 -13.45 35.72
CA TYR G 114 -28.94 -14.39 34.67
C TYR G 114 -28.72 -13.64 33.36
N VAL G 115 -27.65 -14.03 32.66
CA VAL G 115 -27.20 -13.34 31.46
C VAL G 115 -27.16 -14.35 30.34
N ASN G 116 -27.94 -14.11 29.28
CA ASN G 116 -28.02 -15.02 28.14
C ASN G 116 -27.32 -14.35 26.96
N ASN G 117 -26.20 -14.94 26.53
CA ASN G 117 -25.43 -14.47 25.40
C ASN G 117 -25.72 -15.38 24.20
N GLU G 118 -26.20 -14.79 23.11
CA GLU G 118 -26.59 -15.56 21.94
C GLU G 118 -26.26 -14.78 20.67
N TYR G 119 -26.07 -15.52 19.59
CA TYR G 119 -25.86 -14.92 18.28
C TYR G 119 -27.19 -14.43 17.72
N THR G 120 -27.10 -13.46 16.79
CA THR G 120 -28.27 -12.94 16.11
C THR G 120 -28.25 -13.18 14.60
N GLU G 121 -27.10 -13.44 14.01
CA GLU G 121 -27.02 -13.74 12.58
C GLU G 121 -27.46 -15.18 12.32
N THR G 122 -28.39 -15.34 11.38
CA THR G 122 -28.95 -16.67 11.12
C THR G 122 -27.85 -17.66 10.72
N GLU G 123 -26.89 -17.23 9.91
CA GLU G 123 -25.81 -18.14 9.51
C GLU G 123 -25.01 -18.60 10.73
N LEU G 124 -24.72 -17.67 11.64
CA LEU G 124 -24.03 -18.05 12.88
C LEU G 124 -24.94 -18.91 13.76
N ARG G 125 -26.23 -18.58 13.82
CA ARG G 125 -27.16 -19.40 14.57
C ARG G 125 -27.26 -20.80 13.98
N GLU G 126 -27.39 -20.89 12.65
CA GLU G 126 -27.50 -22.20 12.00
C GLU G 126 -26.20 -23.00 12.12
N ASN G 127 -25.07 -22.34 11.91
CA ASN G 127 -23.76 -23.00 11.91
C ASN G 127 -22.83 -22.22 12.84
N PRO G 128 -22.97 -22.41 14.15
CA PRO G 128 -22.17 -21.64 15.10
C PRO G 128 -20.74 -22.13 15.14
N PRO G 129 -19.77 -21.23 15.31
CA PRO G 129 -18.37 -21.66 15.41
C PRO G 129 -18.05 -22.26 16.77
N VAL G 130 -16.94 -22.99 16.82
CA VAL G 130 -16.50 -23.61 18.07
C VAL G 130 -15.94 -22.55 19.02
N LYS G 131 -14.85 -21.92 18.63
CA LYS G 131 -14.37 -20.77 19.37
C LYS G 131 -15.36 -19.63 19.17
N PRO G 132 -16.03 -19.15 20.23
CA PRO G 132 -17.13 -18.21 20.03
C PRO G 132 -16.64 -16.86 19.52
N ASP G 133 -17.39 -16.31 18.56
CA ASP G 133 -17.12 -14.98 18.01
C ASP G 133 -17.89 -13.97 18.85
N PHE G 134 -17.19 -13.32 19.78
CA PHE G 134 -17.83 -12.38 20.69
C PHE G 134 -18.28 -11.11 19.99
N SER G 135 -17.77 -10.83 18.79
CA SER G 135 -18.24 -9.68 18.03
C SER G 135 -19.69 -9.83 17.60
N LYS G 136 -20.23 -11.04 17.64
CA LYS G 136 -21.58 -11.32 17.18
C LYS G 136 -22.49 -11.84 18.30
N LEU G 137 -22.06 -11.73 19.55
CA LEU G 137 -22.87 -12.15 20.69
C LEU G 137 -23.68 -10.97 21.21
N GLN G 138 -24.97 -11.21 21.42
CA GLN G 138 -25.85 -10.23 22.07
C GLN G 138 -26.03 -10.64 23.53
N ARG G 139 -25.74 -9.70 24.43
CA ARG G 139 -25.93 -9.92 25.86
C ARG G 139 -27.36 -9.51 26.23
N ASN G 140 -28.14 -10.46 26.75
CA ASN G 140 -29.48 -10.18 27.26
C ASN G 140 -29.49 -10.51 28.74
N ILE G 141 -29.45 -9.48 29.57
CA ILE G 141 -29.60 -9.64 31.01
C ILE G 141 -31.07 -9.87 31.32
N LEU G 142 -31.36 -10.96 32.03
CA LEU G 142 -32.73 -11.26 32.44
C LEU G 142 -33.04 -10.44 33.70
N ALA G 143 -33.37 -9.17 33.46
CA ALA G 143 -33.46 -8.20 34.53
C ALA G 143 -34.74 -8.31 35.37
N SER G 144 -35.74 -9.03 34.88
CA SER G 144 -37.05 -9.02 35.54
C SER G 144 -37.01 -9.71 36.91
N ASN G 145 -36.10 -10.66 37.11
CA ASN G 145 -36.05 -11.41 38.36
C ASN G 145 -34.60 -11.62 38.80
N PRO G 146 -34.03 -10.66 39.52
CA PRO G 146 -32.71 -10.88 40.12
C PRO G 146 -32.82 -11.73 41.38
N ARG G 147 -31.79 -12.55 41.59
CA ARG G 147 -31.68 -13.37 42.78
C ARG G 147 -30.99 -12.55 43.86
N VAL G 148 -31.75 -12.12 44.86
CA VAL G 148 -31.26 -11.21 45.89
C VAL G 148 -30.99 -12.00 47.16
N THR G 149 -29.80 -11.82 47.71
CA THR G 149 -29.37 -12.50 48.93
C THR G 149 -28.80 -11.48 49.90
N ARG G 150 -29.27 -11.51 51.14
CA ARG G 150 -28.78 -10.63 52.19
C ARG G 150 -27.99 -11.44 53.22
N PHE G 151 -26.97 -10.78 53.79
CA PHE G 151 -26.12 -11.40 54.80
C PHE G 151 -26.03 -10.47 56.00
N HIS G 152 -26.24 -11.02 57.19
CA HIS G 152 -26.14 -10.24 58.42
C HIS G 152 -24.68 -9.98 58.74
N ILE G 153 -24.30 -8.70 58.79
CA ILE G 153 -22.94 -8.31 59.13
C ILE G 153 -22.98 -7.44 60.38
N ASN G 154 -21.81 -6.98 60.83
CA ASN G 154 -21.72 -6.04 61.94
C ASN G 154 -21.60 -4.64 61.37
N TRP G 155 -22.51 -3.76 61.77
CA TRP G 155 -22.49 -2.38 61.29
C TRP G 155 -21.91 -1.46 62.35
#